data_2NMV
#
_entry.id   2NMV
#
_cell.length_a   74.410
_cell.length_b   95.597
_cell.length_c   97.878
_cell.angle_alpha   90.00
_cell.angle_beta   90.00
_cell.angle_gamma   90.00
#
_symmetry.space_group_name_H-M   'P 21 21 21'
#
loop_
_entity.id
_entity.type
_entity.pdbx_description
1 polymer "5'-D(P*TP*TP*TP*TP*T)-3'"
2 polymer 'UvrABC system protein B'
3 polymer 'UvrABC system protein B'
4 non-polymer N-METHYLACETAMIDE
5 non-polymer '2-(6-HYDROXY-3-OXO-3H-XANTHEN-9-YL)-BENZOIC ACID'
6 non-polymer "ADENOSINE-5'-DIPHOSPHATE"
#
loop_
_entity_poly.entity_id
_entity_poly.type
_entity_poly.pdbx_seq_one_letter_code
_entity_poly.pdbx_strand_id
1 'polydeoxyribonucleotide' (DT)(DT)(DT)(DT)(DT) D
2 'polypeptide(L)'
;MKDRFELVSKYQPQGDQPKAIEKLVKGIQEGKKHQTLLGATGTGKTFTVSNLIKEVNKPTLVIAHNKTLAGQLYSEFKEF
FPNNAVEYFVSYYDYYQPEAYVPQTDTFIEKDASINDEIDKLRHSATSALFERRDVIIIASVSCIYGLGSPEEYREMVVS
LRTEMEIERNELLRKLVDIQYARNDIDFQRGTFRVRGDVVEIFPASRDEHCVRVEFFGDEIERIREVDALTGEILGDRDH
VAIFPASHFVTRAEKMEKAIQNIEKELEEQLKVMHENGKLLEAQRLEQRTRYDLEMMREMGFCSGIENYSRHLTLRPPGS
TPYTLLDYFPDDFMIVVDESHVTIPQVRGMFNGDQARKQVLVDHGFRLPSALDNRPLRFEEFEKHMHNIVYVSATPGPYE
IEHTDEMVEQIIRPTGLLDPLIDVRPIEGQIDDLIGEIQARIERNERVLVTTLTKKMSEDLTDYLKEIGIKVNYLHSEIK
TLERIEIIRDLRLGKYDVLVGINLLREGLDIPEVSLVAILDADKEGFLRSERSLIQTIGRAARNAEGRVIMYADKITKSM
EIAINETKRRREQQERFNEEHGITPKTINKEIRDVIRATVAAEDKAEYKTKAAPKLSKMTKKERQKVVEQMEHEMKEAAK
ALDFERAAELRDLLLELKAEG
;
A
3 'polypeptide(L)' KERQKVVEQMEHEMKEAAKALDFERAAELRDLLLELKA B
#
loop_
_chem_comp.id
_chem_comp.type
_chem_comp.name
_chem_comp.formula
ADP non-polymer ADENOSINE-5'-DIPHOSPHATE 'C10 H15 N5 O10 P2'
DT DNA linking THYMIDINE-5'-MONOPHOSPHATE 'C10 H15 N2 O8 P'
FLU non-polymer '2-(6-HYDROXY-3-OXO-3H-XANTHEN-9-YL)-BENZOIC ACID' 'C20 H12 O5'
NML non-polymer N-METHYLACETAMIDE 'C3 H7 N O'
#
# COMPACT_ATOMS: atom_id res chain seq x y z
N ASP B 3 -18.90 -15.17 -14.35
CA ASP B 3 -17.72 -14.51 -13.71
C ASP B 3 -17.75 -14.43 -12.17
N ARG B 4 -18.35 -15.40 -11.49
CA ARG B 4 -18.44 -15.42 -10.03
C ARG B 4 -17.05 -15.25 -9.33
N PHE B 5 -17.05 -14.90 -8.03
CA PHE B 5 -15.84 -14.93 -7.17
C PHE B 5 -15.81 -16.33 -6.51
N GLU B 6 -14.64 -16.94 -6.40
CA GLU B 6 -14.52 -18.27 -5.79
C GLU B 6 -13.64 -18.12 -4.56
N LEU B 7 -14.30 -17.96 -3.41
CA LEU B 7 -13.60 -17.82 -2.13
C LEU B 7 -13.06 -19.16 -1.64
N VAL B 8 -11.78 -19.17 -1.31
CA VAL B 8 -11.03 -20.37 -1.00
C VAL B 8 -10.27 -20.18 0.32
N LYS B 10 -8.89 -21.48 4.08
CA LYS B 10 -9.03 -22.65 4.95
C LYS B 10 -10.09 -22.44 6.03
N TYR B 11 -10.52 -21.19 6.24
CA TYR B 11 -11.38 -20.92 7.39
C TYR B 11 -12.82 -21.19 7.10
N GLN B 12 -13.61 -21.01 8.15
CA GLN B 12 -15.05 -20.99 8.06
C GLN B 12 -15.58 -19.95 9.04
N PRO B 13 -16.46 -19.04 8.57
CA PRO B 13 -16.97 -18.06 9.54
C PRO B 13 -17.20 -18.63 10.96
N GLN B 14 -16.47 -18.04 11.91
CA GLN B 14 -16.61 -18.37 13.33
C GLN B 14 -17.08 -17.12 14.05
N GLY B 15 -17.29 -17.23 15.35
CA GLY B 15 -17.68 -16.06 16.12
C GLY B 15 -18.88 -15.33 15.56
N ASP B 16 -18.81 -14.00 15.52
CA ASP B 16 -19.91 -13.18 14.99
C ASP B 16 -19.62 -12.73 13.59
N GLN B 17 -18.70 -13.44 12.92
CA GLN B 17 -18.39 -13.21 11.50
C GLN B 17 -19.62 -13.42 10.61
N PRO B 18 -20.34 -14.56 10.79
CA PRO B 18 -21.56 -14.79 10.01
C PRO B 18 -22.51 -13.64 10.12
N LYS B 19 -22.65 -13.12 11.34
CA LYS B 19 -23.61 -12.08 11.55
C LYS B 19 -23.12 -10.81 10.90
N ALA B 20 -21.82 -10.58 10.96
CA ALA B 20 -21.26 -9.38 10.35
C ALA B 20 -21.44 -9.39 8.84
N ILE B 21 -20.93 -10.43 8.19
CA ILE B 21 -21.19 -10.67 6.78
C ILE B 21 -22.68 -10.54 6.44
N GLU B 22 -23.56 -11.07 7.28
CA GLU B 22 -24.94 -11.04 6.91
C GLU B 22 -25.38 -9.57 6.75
N LYS B 23 -25.10 -8.76 7.75
CA LYS B 23 -25.46 -7.33 7.74
C LYS B 23 -24.81 -6.51 6.63
N LEU B 24 -23.55 -6.80 6.34
CA LEU B 24 -22.86 -6.05 5.31
C LEU B 24 -23.52 -6.30 3.97
N VAL B 25 -23.67 -7.57 3.62
CA VAL B 25 -24.29 -7.95 2.36
C VAL B 25 -25.70 -7.38 2.23
N LYS B 26 -26.54 -7.59 3.25
CA LYS B 26 -27.88 -7.01 3.28
C LYS B 26 -27.84 -5.53 3.07
N GLY B 27 -26.91 -4.87 3.78
CA GLY B 27 -26.64 -3.44 3.64
C GLY B 27 -26.40 -3.06 2.21
N ILE B 28 -25.54 -3.80 1.48
CA ILE B 28 -25.41 -3.56 0.02
C ILE B 28 -26.70 -3.86 -0.70
N GLN B 29 -27.42 -4.88 -0.27
CA GLN B 29 -28.58 -5.26 -1.02
C GLN B 29 -29.62 -4.17 -0.91
N GLU B 30 -29.71 -3.60 0.27
CA GLU B 30 -30.55 -2.45 0.54
C GLU B 30 -30.02 -1.20 -0.15
N GLY B 31 -28.90 -1.33 -0.83
CA GLY B 31 -28.32 -0.22 -1.55
C GLY B 31 -27.73 0.87 -0.67
N LYS B 32 -27.44 0.58 0.61
CA LYS B 32 -26.68 1.53 1.45
C LYS B 32 -25.34 1.94 0.82
N LYS B 33 -25.08 3.24 0.82
CA LYS B 33 -23.85 3.78 0.28
C LYS B 33 -22.67 3.64 1.28
N HIS B 34 -22.90 3.95 2.54
CA HIS B 34 -21.86 3.84 3.53
C HIS B 34 -22.16 2.82 4.58
N GLN B 35 -21.32 1.82 4.70
CA GLN B 35 -21.43 1.02 5.88
C GLN B 35 -20.06 0.98 6.53
N THR B 36 -20.05 0.58 7.80
CA THR B 36 -18.85 0.54 8.59
C THR B 36 -18.79 -0.79 9.34
N LEU B 37 -17.69 -1.50 9.14
CA LEU B 37 -17.53 -2.74 9.83
C LEU B 37 -16.65 -2.37 10.97
N LEU B 38 -17.26 -2.27 12.14
CA LEU B 38 -16.60 -1.90 13.36
C LEU B 38 -15.93 -3.13 13.93
N GLY B 39 -14.82 -3.56 13.33
CA GLY B 39 -14.09 -4.73 13.84
C GLY B 39 -12.99 -4.45 14.87
N ALA B 40 -13.13 -5.04 16.04
CA ALA B 40 -12.06 -5.00 17.04
C ALA B 40 -10.80 -5.60 16.40
N THR B 41 -9.61 -5.18 16.83
CA THR B 41 -8.37 -5.74 16.24
C THR B 41 -8.27 -7.26 16.39
N GLY B 42 -7.60 -7.92 15.46
CA GLY B 42 -7.47 -9.37 15.55
C GLY B 42 -8.75 -10.17 15.39
N THR B 43 -9.86 -9.55 14.97
CA THR B 43 -11.11 -10.33 14.78
C THR B 43 -11.24 -11.04 13.44
N GLY B 44 -10.25 -10.96 12.55
CA GLY B 44 -10.40 -11.54 11.22
C GLY B 44 -11.25 -10.63 10.34
N LYS B 45 -10.89 -9.34 10.29
CA LYS B 45 -11.58 -8.37 9.46
C LYS B 45 -11.33 -8.68 7.99
N THR B 46 -10.12 -9.02 7.58
CA THR B 46 -9.94 -9.12 6.15
C THR B 46 -10.75 -10.30 5.58
N PHE B 47 -11.03 -11.29 6.43
CA PHE B 47 -11.80 -12.47 6.02
C PHE B 47 -13.30 -12.18 5.86
N THR B 48 -13.91 -11.50 6.83
CA THR B 48 -15.25 -10.94 6.67
C THR B 48 -15.35 -10.16 5.35
N VAL B 49 -14.46 -9.19 5.12
CA VAL B 49 -14.49 -8.42 3.86
C VAL B 49 -14.52 -9.35 2.70
N SER B 50 -13.61 -10.34 2.70
CA SER B 50 -13.56 -11.38 1.69
C SER B 50 -14.91 -12.04 1.43
N ASN B 51 -15.62 -12.39 2.51
CA ASN B 51 -16.92 -13.01 2.38
C ASN B 51 -17.94 -12.07 1.74
N LEU B 52 -18.03 -10.86 2.28
CA LEU B 52 -18.75 -9.76 1.64
C LEU B 52 -18.50 -9.75 0.14
N ILE B 53 -17.26 -9.57 -0.28
CA ILE B 53 -16.95 -9.54 -1.71
C ILE B 53 -17.57 -10.66 -2.52
N LYS B 54 -17.43 -11.90 -2.06
CA LYS B 54 -18.00 -13.10 -2.73
C LYS B 54 -19.53 -13.07 -2.91
N GLU B 55 -20.26 -12.70 -1.86
CA GLU B 55 -21.70 -12.75 -1.94
C GLU B 55 -22.26 -11.70 -2.87
N VAL B 56 -21.63 -10.51 -2.92
CA VAL B 56 -22.21 -9.32 -3.61
C VAL B 56 -21.73 -9.30 -5.02
N ASN B 57 -20.58 -9.91 -5.22
CA ASN B 57 -20.10 -10.14 -6.57
C ASN B 57 -19.93 -8.87 -7.43
N LYS B 58 -19.35 -7.80 -6.87
CA LYS B 58 -18.91 -6.68 -7.72
C LYS B 58 -17.40 -6.68 -7.79
N PRO B 59 -16.82 -6.07 -8.84
CA PRO B 59 -15.43 -5.69 -8.78
C PRO B 59 -15.31 -4.75 -7.61
N THR B 60 -14.17 -4.81 -6.94
CA THR B 60 -14.06 -4.09 -5.69
C THR B 60 -12.68 -3.50 -5.51
N LEU B 61 -12.67 -2.27 -5.00
CA LEU B 61 -11.44 -1.51 -4.66
C LEU B 61 -11.13 -1.46 -3.16
N VAL B 62 -9.93 -1.91 -2.80
CA VAL B 62 -9.53 -1.90 -1.38
C VAL B 62 -8.45 -0.86 -1.17
N ILE B 63 -8.82 0.21 -0.46
CA ILE B 63 -7.87 1.27 -0.18
C ILE B 63 -7.15 1.12 1.17
N ALA B 64 -5.81 1.15 1.15
CA ALA B 64 -4.99 1.12 2.40
C ALA B 64 -4.07 2.35 2.67
N HIS B 65 -3.94 2.79 3.93
CA HIS B 65 -3.11 3.98 4.20
C HIS B 65 -1.59 3.81 4.00
N ASN B 66 -1.04 2.62 4.23
CA ASN B 66 0.37 2.41 3.88
C ASN B 66 0.65 1.20 2.98
N LYS B 67 1.74 1.25 2.23
CA LYS B 67 2.04 0.22 1.23
C LYS B 67 2.33 -1.14 1.82
N THR B 68 2.63 -1.20 3.11
CA THR B 68 3.05 -2.47 3.69
C THR B 68 1.81 -3.31 3.96
N LEU B 69 0.84 -2.66 4.61
CA LEU B 69 -0.50 -3.16 4.84
C LEU B 69 -1.17 -3.57 3.50
N ALA B 70 -0.99 -2.73 2.49
CA ALA B 70 -1.57 -2.98 1.18
C ALA B 70 -1.05 -4.28 0.65
N GLY B 71 0.26 -4.43 0.77
CA GLY B 71 0.95 -5.63 0.34
C GLY B 71 0.55 -6.77 1.21
N GLN B 72 0.32 -6.47 2.48
CA GLN B 72 -0.10 -7.50 3.41
C GLN B 72 -1.48 -8.03 3.06
N LEU B 73 -2.42 -7.17 2.67
CA LEU B 73 -3.74 -7.63 2.23
C LEU B 73 -3.66 -8.35 0.89
N TYR B 74 -2.89 -7.80 -0.04
CA TYR B 74 -2.80 -8.37 -1.37
C TYR B 74 -2.45 -9.87 -1.26
N SER B 75 -1.38 -10.15 -0.54
CA SER B 75 -0.96 -11.53 -0.26
C SER B 75 -2.11 -12.35 0.23
N GLU B 76 -2.85 -11.79 1.16
CA GLU B 76 -3.96 -12.47 1.79
C GLU B 76 -5.12 -12.71 0.82
N PHE B 77 -5.34 -11.78 -0.10
CA PHE B 77 -6.41 -11.93 -1.03
C PHE B 77 -6.04 -12.81 -2.20
N LYS B 78 -4.75 -12.97 -2.49
CA LYS B 78 -4.40 -13.85 -3.59
C LYS B 78 -4.64 -15.26 -3.11
N GLU B 79 -4.45 -15.45 -1.81
CA GLU B 79 -4.66 -16.74 -1.20
C GLU B 79 -6.14 -16.98 -1.13
N PHE B 80 -6.92 -15.97 -0.77
CA PHE B 80 -8.40 -16.09 -0.70
C PHE B 80 -9.14 -16.43 -2.01
N PHE B 81 -8.71 -15.83 -3.13
CA PHE B 81 -9.38 -15.87 -4.44
C PHE B 81 -8.32 -16.20 -5.47
N PRO B 82 -7.83 -17.44 -5.44
CA PRO B 82 -6.73 -17.86 -6.26
C PRO B 82 -7.16 -17.92 -7.69
N ASN B 83 -8.48 -17.97 -7.89
CA ASN B 83 -9.03 -18.08 -9.25
C ASN B 83 -9.58 -16.83 -9.86
N ASN B 84 -9.58 -15.72 -9.11
CA ASN B 84 -10.08 -14.45 -9.59
C ASN B 84 -8.89 -13.53 -9.65
N ALA B 85 -9.02 -12.42 -10.36
CA ALA B 85 -7.94 -11.46 -10.52
C ALA B 85 -7.82 -10.54 -9.31
N VAL B 86 -6.88 -10.87 -8.41
CA VAL B 86 -6.47 -9.97 -7.35
C VAL B 86 -5.32 -9.12 -7.88
N GLU B 87 -5.44 -7.80 -7.70
CA GLU B 87 -4.46 -6.92 -8.24
C GLU B 87 -3.94 -5.95 -7.19
N TYR B 88 -2.87 -5.26 -7.58
CA TYR B 88 -2.10 -4.47 -6.66
C TYR B 88 -1.84 -3.11 -7.27
N PHE B 89 -2.48 -2.07 -6.76
CA PHE B 89 -2.30 -0.77 -7.38
C PHE B 89 -1.70 0.27 -6.43
N VAL B 90 -0.40 0.46 -6.57
CA VAL B 90 0.40 1.29 -5.67
C VAL B 90 1.31 2.22 -6.53
N SER B 91 2.26 2.93 -5.93
CA SER B 91 3.07 3.85 -6.72
C SER B 91 4.27 3.09 -7.18
N TYR B 92 4.63 3.31 -8.45
CA TYR B 92 5.77 2.60 -9.05
C TYR B 92 7.06 3.28 -8.68
N TYR B 93 6.97 4.34 -7.86
CA TYR B 93 8.18 5.02 -7.42
C TYR B 93 8.87 4.28 -6.29
N ASP B 94 10.05 3.73 -6.53
CA ASP B 94 10.78 3.16 -5.41
C ASP B 94 11.48 4.28 -4.64
N TYR B 95 11.93 5.33 -5.31
CA TYR B 95 12.29 6.57 -4.62
C TYR B 95 11.65 7.71 -5.40
N TYR B 96 11.30 8.78 -4.67
CA TYR B 96 10.72 10.01 -5.26
C TYR B 96 10.87 11.26 -4.37
N GLN B 97 11.79 12.14 -4.74
CA GLN B 97 11.95 13.45 -4.10
C GLN B 97 11.24 14.44 -4.97
N PRO B 98 10.08 14.94 -4.53
CA PRO B 98 9.33 15.80 -5.44
C PRO B 98 10.11 17.05 -5.77
N GLU B 99 9.66 17.71 -6.82
CA GLU B 99 10.06 19.02 -7.19
C GLU B 99 9.28 19.92 -6.24
N ALA B 100 9.97 20.92 -5.69
CA ALA B 100 9.32 21.96 -4.88
C ALA B 100 10.34 23.09 -4.68
N TYR B 101 9.89 24.21 -4.14
CA TYR B 101 10.77 25.35 -4.03
C TYR B 101 10.66 25.89 -2.64
N VAL B 102 11.80 26.28 -2.05
CA VAL B 102 11.74 26.88 -0.73
C VAL B 102 12.11 28.37 -0.78
N PRO B 103 11.11 29.23 -0.51
CA PRO B 103 11.27 30.64 -0.81
C PRO B 103 12.21 31.24 0.22
N GLN B 104 12.16 30.64 1.42
CA GLN B 104 12.97 31.06 2.53
C GLN B 104 14.44 30.93 2.15
N THR B 105 14.80 30.11 1.17
CA THR B 105 16.21 30.03 0.78
C THR B 105 16.56 30.08 -0.68
N ASP B 106 15.58 30.34 -1.56
CA ASP B 106 15.84 30.50 -3.00
C ASP B 106 16.62 29.29 -3.50
N THR B 107 16.08 28.10 -3.19
CA THR B 107 16.67 26.84 -3.70
C THR B 107 15.63 25.87 -4.25
N PHE B 108 16.11 25.15 -5.25
CA PHE B 108 15.22 24.38 -6.09
C PHE B 108 15.49 22.89 -6.00
N ILE B 109 14.47 22.17 -5.54
CA ILE B 109 14.50 20.73 -5.51
C ILE B 109 14.12 20.13 -6.85
N GLU B 110 15.13 19.60 -7.53
CA GLU B 110 14.92 18.83 -8.76
C GLU B 110 14.18 17.48 -8.50
N LYS B 111 13.08 17.22 -9.23
CA LYS B 111 12.43 15.89 -9.20
C LYS B 111 13.41 14.75 -9.45
N ASP B 112 13.40 13.77 -8.55
CA ASP B 112 14.35 12.67 -8.54
C ASP B 112 13.56 11.44 -8.12
N ALA B 113 13.82 10.30 -8.77
CA ALA B 113 12.84 9.22 -8.88
C ALA B 113 13.40 7.95 -9.58
N SER B 114 13.23 6.80 -8.95
CA SER B 114 13.54 5.56 -9.66
C SER B 114 12.29 4.67 -9.73
N ILE B 115 11.92 4.32 -10.96
CA ILE B 115 10.73 3.55 -11.19
C ILE B 115 11.04 2.09 -10.94
N ASN B 116 10.13 1.43 -10.25
CA ASN B 116 10.25 0.06 -9.90
C ASN B 116 9.42 -0.76 -10.89
N ASP B 117 10.12 -1.48 -11.77
CA ASP B 117 9.49 -2.27 -12.83
C ASP B 117 8.39 -3.22 -12.34
N GLU B 118 8.66 -3.97 -11.29
CA GLU B 118 7.67 -4.90 -10.80
C GLU B 118 6.28 -4.24 -10.52
N ILE B 119 6.30 -3.08 -9.87
CA ILE B 119 5.10 -2.34 -9.56
C ILE B 119 4.36 -1.78 -10.79
N ASP B 120 5.10 -1.23 -11.76
CA ASP B 120 4.50 -0.65 -12.96
C ASP B 120 3.73 -1.76 -13.67
N LYS B 121 4.38 -2.92 -13.73
CA LYS B 121 3.76 -4.14 -14.21
C LYS B 121 2.45 -4.48 -13.48
N LEU B 122 2.51 -4.49 -12.14
CA LEU B 122 1.33 -4.76 -11.31
C LEU B 122 0.21 -3.73 -11.45
N ARG B 123 0.54 -2.53 -11.90
CA ARG B 123 -0.44 -1.48 -12.15
C ARG B 123 -1.06 -1.68 -13.51
N HIS B 124 -0.27 -2.19 -14.45
CA HIS B 124 -0.84 -2.49 -15.73
C HIS B 124 -1.69 -3.71 -15.59
N SER B 125 -1.22 -4.62 -14.75
CA SER B 125 -1.96 -5.84 -14.56
C SER B 125 -3.36 -5.46 -14.11
N ALA B 126 -3.43 -4.39 -13.29
CA ALA B 126 -4.64 -3.91 -12.60
C ALA B 126 -5.69 -3.22 -13.49
N THR B 127 -5.23 -2.23 -14.24
CA THR B 127 -6.10 -1.51 -15.12
C THR B 127 -6.54 -2.41 -16.25
N SER B 128 -5.63 -3.20 -16.81
CA SER B 128 -6.00 -4.15 -17.87
C SER B 128 -7.02 -5.18 -17.40
N ALA B 129 -6.91 -5.60 -16.14
CA ALA B 129 -7.82 -6.61 -15.63
C ALA B 129 -9.25 -6.10 -15.62
N LEU B 130 -9.47 -4.88 -15.13
CA LEU B 130 -10.79 -4.25 -15.15
C LEU B 130 -11.46 -4.24 -16.50
N PHE B 131 -10.68 -4.37 -17.57
CA PHE B 131 -11.27 -4.41 -18.89
C PHE B 131 -11.57 -5.81 -19.43
N GLU B 132 -10.96 -6.81 -18.80
CA GLU B 132 -11.03 -8.18 -19.32
C GLU B 132 -12.01 -9.03 -18.58
N ARG B 133 -12.35 -8.64 -17.34
CA ARG B 133 -13.21 -9.47 -16.52
C ARG B 133 -13.79 -8.69 -15.36
N ARG B 134 -14.84 -9.25 -14.74
CA ARG B 134 -15.59 -8.65 -13.62
C ARG B 134 -15.15 -9.13 -12.22
N ASP B 135 -14.51 -10.30 -12.16
CA ASP B 135 -14.06 -10.88 -10.89
C ASP B 135 -12.71 -10.32 -10.35
N VAL B 136 -12.71 -9.02 -10.10
CA VAL B 136 -11.49 -8.29 -9.84
C VAL B 136 -11.48 -7.60 -8.49
N ILE B 137 -10.48 -7.93 -7.68
CA ILE B 137 -10.18 -7.15 -6.51
C ILE B 137 -8.88 -6.42 -6.65
N ILE B 138 -8.93 -5.11 -6.49
CA ILE B 138 -7.71 -4.32 -6.43
C ILE B 138 -7.44 -3.79 -5.06
N ILE B 139 -6.21 -4.02 -4.64
CA ILE B 139 -5.71 -3.43 -3.41
C ILE B 139 -4.85 -2.28 -3.86
N ALA B 140 -5.15 -1.11 -3.33
CA ALA B 140 -4.54 0.13 -3.79
C ALA B 140 -4.11 1.04 -2.66
N SER B 141 -3.17 1.94 -2.93
CA SER B 141 -2.84 3.02 -1.99
C SER B 141 -3.76 4.21 -2.32
N VAL B 142 -3.41 5.41 -1.91
CA VAL B 142 -4.12 6.61 -2.41
C VAL B 142 -3.71 6.96 -3.84
N SER B 143 -2.77 6.18 -4.41
CA SER B 143 -2.47 6.19 -5.82
C SER B 143 -3.75 6.08 -6.69
N CYS B 144 -4.78 5.45 -6.16
CA CYS B 144 -6.00 5.24 -6.91
C CYS B 144 -6.81 6.53 -7.09
N ILE B 145 -6.37 7.62 -6.47
CA ILE B 145 -7.03 8.92 -6.63
C ILE B 145 -6.15 9.88 -7.45
N TYR B 146 -4.93 9.45 -7.74
CA TYR B 146 -4.00 10.19 -8.60
C TYR B 146 -4.31 9.89 -10.04
N GLY B 147 -3.63 10.57 -10.95
CA GLY B 147 -4.05 10.64 -12.34
C GLY B 147 -3.54 9.57 -13.25
N LEU B 148 -4.28 9.31 -14.32
CA LEU B 148 -4.00 8.24 -15.29
C LEU B 148 -4.78 8.57 -16.57
N GLY B 149 -4.29 8.21 -17.75
CA GLY B 149 -5.01 8.55 -19.00
C GLY B 149 -6.48 8.15 -19.07
N SER B 150 -7.24 8.75 -19.97
CA SER B 150 -8.64 8.41 -20.13
C SER B 150 -8.87 6.94 -20.32
N PRO B 151 -9.66 6.30 -19.42
CA PRO B 151 -10.01 4.88 -19.52
C PRO B 151 -10.65 4.54 -20.87
N GLU B 152 -11.42 5.50 -21.40
CA GLU B 152 -12.03 5.41 -22.75
C GLU B 152 -10.97 5.42 -23.89
N GLU B 153 -9.93 6.26 -23.76
CA GLU B 153 -8.84 6.31 -24.73
C GLU B 153 -7.99 5.04 -24.66
N TYR B 154 -7.80 4.54 -23.43
CA TYR B 154 -7.07 3.30 -23.16
C TYR B 154 -7.85 2.09 -23.68
N ARG B 155 -9.11 1.94 -23.26
CA ARG B 155 -9.97 0.85 -23.75
C ARG B 155 -10.02 0.87 -25.27
N GLU B 156 -9.81 2.05 -25.84
CA GLU B 156 -9.97 2.24 -27.26
C GLU B 156 -8.71 1.90 -28.01
N MET B 157 -7.56 2.12 -27.39
CA MET B 157 -6.29 1.97 -28.07
C MET B 157 -5.85 0.51 -28.00
N VAL B 158 -6.65 -0.34 -27.33
CA VAL B 158 -6.41 -1.79 -27.35
C VAL B 158 -6.32 -2.37 -28.75
N VAL B 159 -5.22 -3.09 -29.01
CA VAL B 159 -5.04 -3.95 -30.19
C VAL B 159 -5.67 -5.33 -29.95
N SER B 160 -6.74 -5.64 -30.67
CA SER B 160 -7.42 -6.91 -30.49
C SER B 160 -7.01 -7.87 -31.57
N LEU B 161 -6.39 -8.97 -31.16
CA LEU B 161 -6.12 -10.06 -32.10
C LEU B 161 -7.06 -11.29 -31.93
N ARG B 162 -7.49 -11.88 -33.04
CA ARG B 162 -8.20 -13.17 -33.00
C ARG B 162 -7.69 -14.06 -34.09
N THR B 163 -7.60 -15.37 -33.85
CA THR B 163 -7.16 -16.27 -34.95
C THR B 163 -8.04 -16.10 -36.18
N GLU B 164 -7.46 -16.40 -37.34
CA GLU B 164 -8.14 -16.34 -38.64
C GLU B 164 -8.55 -14.90 -39.00
N MET B 165 -8.02 -13.95 -38.24
CA MET B 165 -8.16 -12.52 -38.54
C MET B 165 -7.28 -12.17 -39.74
N GLU B 166 -7.72 -11.21 -40.54
CA GLU B 166 -6.90 -10.73 -41.65
C GLU B 166 -6.13 -9.54 -41.10
N ILE B 167 -4.83 -9.45 -41.42
CA ILE B 167 -3.97 -8.40 -40.88
C ILE B 167 -2.56 -8.70 -41.30
N GLU B 168 -1.90 -7.68 -41.85
CA GLU B 168 -0.55 -7.83 -42.31
C GLU B 168 0.37 -7.68 -41.12
N ARG B 169 1.45 -8.43 -41.13
CA ARG B 169 2.34 -8.45 -39.99
C ARG B 169 2.81 -7.03 -39.59
N ASN B 170 3.26 -6.26 -40.57
CA ASN B 170 3.82 -4.92 -40.35
C ASN B 170 2.81 -3.89 -39.91
N GLU B 171 1.59 -4.06 -40.39
CA GLU B 171 0.43 -3.35 -39.86
C GLU B 171 0.28 -3.59 -38.35
N LEU B 172 0.45 -4.85 -37.93
CA LEU B 172 0.37 -5.14 -36.53
C LEU B 172 1.44 -4.33 -35.82
N LEU B 173 2.63 -4.28 -36.40
CA LEU B 173 3.73 -3.52 -35.80
C LEU B 173 3.41 -2.05 -35.61
N ARG B 174 2.82 -1.41 -36.61
CA ARG B 174 2.49 0.01 -36.51
C ARG B 174 1.66 0.25 -35.27
N LYS B 175 0.57 -0.48 -35.19
CA LYS B 175 -0.37 -0.44 -34.06
C LYS B 175 0.36 -0.66 -32.74
N LEU B 176 1.39 -1.50 -32.74
CA LEU B 176 2.10 -1.78 -31.52
C LEU B 176 2.89 -0.59 -31.01
N VAL B 177 3.42 0.19 -31.93
CA VAL B 177 4.22 1.38 -31.59
C VAL B 177 3.31 2.56 -31.13
N ASP B 178 2.20 2.73 -31.85
CA ASP B 178 1.23 3.75 -31.53
C ASP B 178 0.68 3.59 -30.10
N ILE B 179 0.89 2.42 -29.50
CA ILE B 179 0.42 2.23 -28.13
C ILE B 179 1.56 1.95 -27.17
N GLN B 180 2.75 2.45 -27.51
CA GLN B 180 3.94 2.52 -26.62
C GLN B 180 4.73 1.25 -26.50
N TYR B 181 4.50 0.31 -27.40
CA TYR B 181 5.35 -0.87 -27.40
C TYR B 181 6.63 -0.59 -28.14
N ALA B 182 7.64 -1.35 -27.79
CA ALA B 182 8.94 -1.09 -28.32
C ALA B 182 9.50 -2.38 -28.88
N ARG B 183 9.60 -2.39 -30.21
CA ARG B 183 10.41 -3.34 -30.93
C ARG B 183 11.78 -3.42 -30.27
N ASN B 184 12.10 -4.62 -29.76
CA ASN B 184 13.41 -4.95 -29.23
C ASN B 184 13.67 -6.42 -29.43
N ASP B 185 14.65 -6.72 -30.29
CA ASP B 185 14.94 -8.11 -30.63
C ASP B 185 15.95 -8.72 -29.65
N ILE B 186 16.89 -7.93 -29.12
CA ILE B 186 17.97 -8.50 -28.27
C ILE B 186 17.58 -8.60 -26.80
N ASP B 187 16.87 -7.61 -26.29
CA ASP B 187 16.49 -7.58 -24.88
C ASP B 187 14.99 -7.60 -24.82
N PHE B 188 14.40 -8.80 -24.73
CA PHE B 188 12.95 -8.99 -24.75
C PHE B 188 12.48 -8.94 -23.29
N GLN B 189 11.72 -7.88 -22.99
CA GLN B 189 11.28 -7.52 -21.64
C GLN B 189 9.82 -7.17 -21.82
N ARG B 190 9.09 -6.98 -20.73
CA ARG B 190 7.74 -6.47 -20.89
C ARG B 190 7.82 -5.06 -21.50
N GLY B 191 6.82 -4.72 -22.32
CA GLY B 191 6.75 -3.42 -23.01
C GLY B 191 7.34 -3.49 -24.40
N THR B 192 7.69 -4.70 -24.78
CA THR B 192 8.46 -4.94 -25.97
C THR B 192 7.81 -5.99 -26.84
N PHE B 193 8.10 -5.97 -28.14
CA PHE B 193 7.75 -7.08 -29.03
C PHE B 193 8.95 -7.49 -29.85
N ARG B 194 8.99 -8.75 -30.24
CA ARG B 194 10.09 -9.20 -31.10
C ARG B 194 9.58 -9.99 -32.30
N VAL B 195 10.36 -9.97 -33.37
CA VAL B 195 9.90 -10.42 -34.68
C VAL B 195 10.88 -11.40 -35.22
N ARG B 196 10.39 -12.58 -35.60
CA ARG B 196 11.14 -13.56 -36.42
C ARG B 196 10.29 -14.06 -37.57
N GLY B 197 10.49 -13.47 -38.73
CA GLY B 197 9.67 -13.81 -39.89
C GLY B 197 8.19 -13.68 -39.58
N ASP B 198 7.50 -14.83 -39.64
CA ASP B 198 6.05 -14.85 -39.47
C ASP B 198 5.55 -14.95 -38.00
N VAL B 199 6.42 -14.64 -37.05
CA VAL B 199 6.03 -14.72 -35.66
C VAL B 199 6.31 -13.41 -34.92
N VAL B 200 5.25 -12.76 -34.48
CA VAL B 200 5.44 -11.64 -33.60
C VAL B 200 5.21 -12.13 -32.20
N GLU B 201 6.07 -11.66 -31.30
CA GLU B 201 5.97 -11.96 -29.89
C GLU B 201 5.94 -10.70 -29.10
N ILE B 202 4.77 -10.48 -28.49
CA ILE B 202 4.54 -9.28 -27.69
C ILE B 202 4.66 -9.71 -26.25
N PHE B 203 5.35 -8.91 -25.45
CA PHE B 203 5.51 -9.14 -24.02
C PHE B 203 4.59 -8.17 -23.24
N PRO B 204 3.33 -8.58 -22.99
CA PRO B 204 2.35 -7.59 -22.54
C PRO B 204 2.87 -6.81 -21.33
N ALA B 205 2.67 -5.48 -21.29
CA ALA B 205 3.19 -4.64 -20.15
C ALA B 205 2.78 -5.05 -18.71
N SER B 206 1.81 -5.97 -18.62
CA SER B 206 1.22 -6.35 -17.37
C SER B 206 1.73 -7.70 -16.94
N ARG B 207 2.59 -8.27 -17.77
CA ARG B 207 3.22 -9.55 -17.47
C ARG B 207 4.73 -9.33 -17.50
N ASP B 208 5.51 -10.20 -16.84
CA ASP B 208 6.98 -10.31 -17.07
C ASP B 208 7.50 -11.77 -17.09
N GLU B 209 6.62 -12.68 -17.53
CA GLU B 209 6.77 -14.10 -17.33
C GLU B 209 6.24 -14.85 -18.58
N HIS B 210 5.08 -14.36 -19.06
CA HIS B 210 4.35 -14.91 -20.18
C HIS B 210 4.26 -13.87 -21.29
N CYS B 211 4.20 -14.33 -22.53
CA CYS B 211 3.97 -13.44 -23.62
C CYS B 211 3.08 -14.10 -24.67
N VAL B 212 2.82 -13.34 -25.72
CA VAL B 212 1.88 -13.71 -26.75
C VAL B 212 2.68 -13.78 -28.04
N ARG B 213 2.43 -14.89 -28.74
CA ARG B 213 3.10 -15.24 -29.95
C ARG B 213 2.00 -15.29 -30.97
N VAL B 214 2.23 -14.56 -32.04
CA VAL B 214 1.23 -14.33 -33.05
C VAL B 214 1.87 -14.81 -34.35
N GLU B 215 1.41 -15.97 -34.81
CA GLU B 215 2.03 -16.63 -35.93
C GLU B 215 1.21 -16.29 -37.15
N PHE B 216 1.87 -15.74 -38.15
CA PHE B 216 1.20 -15.28 -39.36
C PHE B 216 1.37 -16.28 -40.47
N PHE B 217 0.49 -16.19 -41.46
CA PHE B 217 0.66 -16.83 -42.74
C PHE B 217 -0.01 -15.93 -43.76
N GLY B 218 0.82 -15.19 -44.50
CA GLY B 218 0.31 -14.12 -45.34
C GLY B 218 -0.27 -13.12 -44.37
N ASP B 219 -1.41 -12.53 -44.71
CA ASP B 219 -1.98 -11.51 -43.86
C ASP B 219 -3.15 -12.06 -43.15
N GLU B 220 -2.82 -13.07 -42.34
CA GLU B 220 -3.77 -13.80 -41.58
C GLU B 220 -3.07 -14.32 -40.36
N ILE B 221 -3.60 -13.95 -39.21
CA ILE B 221 -3.16 -14.51 -37.95
C ILE B 221 -3.58 -15.98 -37.95
N GLU B 222 -2.58 -16.86 -37.94
CA GLU B 222 -2.78 -18.32 -37.87
C GLU B 222 -3.17 -18.80 -36.48
N ARG B 223 -2.35 -18.46 -35.50
CA ARG B 223 -2.61 -18.89 -34.16
C ARG B 223 -2.00 -17.89 -33.23
N ILE B 224 -2.63 -17.80 -32.05
CA ILE B 224 -2.18 -16.98 -30.95
C ILE B 224 -1.88 -17.92 -29.77
N ARG B 225 -0.64 -17.90 -29.32
CA ARG B 225 -0.20 -18.76 -28.22
C ARG B 225 0.20 -17.91 -27.04
N GLU B 226 0.14 -18.52 -25.85
CA GLU B 226 0.84 -17.98 -24.68
C GLU B 226 2.07 -18.82 -24.39
N VAL B 227 3.21 -18.15 -24.28
CA VAL B 227 4.48 -18.83 -24.12
C VAL B 227 5.29 -18.24 -22.98
N ASP B 228 6.17 -19.05 -22.40
CA ASP B 228 7.13 -18.62 -21.38
C ASP B 228 8.23 -17.91 -22.14
N ALA B 229 8.51 -16.67 -21.73
CA ALA B 229 9.35 -15.71 -22.51
C ALA B 229 10.84 -16.05 -22.56
N LEU B 230 11.40 -16.37 -21.38
CA LEU B 230 12.76 -16.88 -21.25
C LEU B 230 12.99 -18.18 -22.08
N THR B 231 12.05 -19.12 -21.98
CA THR B 231 12.21 -20.47 -22.54
C THR B 231 11.62 -20.70 -23.92
N GLY B 232 10.36 -20.34 -24.11
CA GLY B 232 9.68 -20.59 -25.39
C GLY B 232 8.69 -21.74 -25.30
N GLU B 233 8.51 -22.17 -24.05
CA GLU B 233 7.60 -23.23 -23.69
C GLU B 233 6.14 -22.75 -23.82
N ILE B 234 5.31 -23.54 -24.50
CA ILE B 234 3.93 -23.19 -24.79
C ILE B 234 2.98 -23.54 -23.67
N LEU B 235 2.15 -22.57 -23.32
CA LEU B 235 1.24 -22.67 -22.20
C LEU B 235 -0.20 -22.86 -22.64
N GLY B 236 -0.57 -22.26 -23.77
CA GLY B 236 -1.95 -22.36 -24.20
C GLY B 236 -2.26 -21.62 -25.48
N ASP B 237 -3.17 -22.18 -26.27
CA ASP B 237 -3.73 -21.45 -27.39
C ASP B 237 -4.82 -20.49 -26.93
N ARG B 238 -5.02 -19.43 -27.71
CA ARG B 238 -6.02 -18.42 -27.46
C ARG B 238 -6.62 -18.19 -28.81
N ASP B 239 -7.90 -17.88 -28.84
CA ASP B 239 -8.60 -17.55 -30.10
C ASP B 239 -8.87 -16.07 -30.12
N HIS B 240 -8.66 -15.46 -28.97
CA HIS B 240 -8.69 -14.00 -28.84
C HIS B 240 -7.62 -13.53 -27.85
N VAL B 241 -6.98 -12.40 -28.16
CA VAL B 241 -6.06 -11.72 -27.26
C VAL B 241 -6.28 -10.23 -27.32
N ALA B 242 -6.46 -9.60 -26.15
CA ALA B 242 -6.40 -8.14 -26.08
C ALA B 242 -5.02 -7.70 -25.60
N ILE B 243 -4.30 -6.96 -26.42
CA ILE B 243 -3.08 -6.29 -26.01
C ILE B 243 -3.40 -4.83 -25.69
N PHE B 244 -3.04 -4.39 -24.50
CA PHE B 244 -3.36 -3.05 -23.98
C PHE B 244 -2.17 -2.11 -24.08
N PRO B 245 -2.40 -0.78 -24.02
CA PRO B 245 -1.25 0.11 -24.14
C PRO B 245 -0.23 -0.12 -23.05
N ALA B 246 1.05 -0.09 -23.44
CA ALA B 246 2.20 -0.34 -22.57
C ALA B 246 2.49 0.86 -21.67
N SER B 247 1.63 1.88 -21.79
CA SER B 247 1.65 3.01 -20.88
C SER B 247 0.26 3.57 -20.70
N HIS B 248 0.04 4.10 -19.50
CA HIS B 248 -1.24 4.64 -19.12
C HIS B 248 -1.53 6.07 -19.57
N PHE B 249 -0.64 6.67 -20.35
CA PHE B 249 -0.82 8.04 -20.80
C PHE B 249 -0.02 8.21 -22.08
N VAL B 250 -0.67 8.04 -23.22
CA VAL B 250 -0.02 8.15 -24.53
C VAL B 250 -0.60 9.36 -25.27
N THR B 251 0.24 10.24 -25.77
CA THR B 251 -0.24 11.38 -26.55
C THR B 251 0.11 11.16 -27.98
N ARG B 252 -0.90 11.21 -28.84
CA ARG B 252 -0.59 11.10 -30.25
C ARG B 252 -0.01 12.43 -30.73
N ALA B 253 0.84 12.37 -31.74
CA ALA B 253 1.50 13.56 -32.34
C ALA B 253 0.55 14.71 -32.68
N GLU B 254 -0.67 14.37 -33.09
CA GLU B 254 -1.69 15.35 -33.44
C GLU B 254 -2.19 16.04 -32.17
N LYS B 255 -2.53 15.28 -31.14
CA LYS B 255 -2.97 15.92 -29.91
C LYS B 255 -1.84 16.86 -29.50
N MET B 256 -0.60 16.37 -29.61
CA MET B 256 0.57 17.03 -29.06
C MET B 256 0.87 18.38 -29.72
N GLU B 257 0.66 18.48 -31.04
CA GLU B 257 0.95 19.75 -31.73
C GLU B 257 0.10 20.89 -31.21
N LYS B 258 -1.18 20.58 -30.98
CA LYS B 258 -2.22 21.53 -30.50
C LYS B 258 -1.92 21.94 -29.07
N ALA B 259 -1.27 21.03 -28.35
CA ALA B 259 -1.01 21.26 -26.95
C ALA B 259 0.08 22.28 -26.87
N ILE B 260 1.13 22.08 -27.66
CA ILE B 260 2.25 23.01 -27.63
C ILE B 260 1.74 24.41 -27.97
N GLN B 261 0.75 24.45 -28.87
CA GLN B 261 0.00 25.68 -29.13
C GLN B 261 -0.59 26.26 -27.88
N ASN B 262 -1.39 25.47 -27.18
CA ASN B 262 -2.16 25.99 -26.08
C ASN B 262 -1.26 26.45 -24.96
N ILE B 263 -0.13 25.75 -24.81
CA ILE B 263 0.88 26.06 -23.80
C ILE B 263 1.57 27.39 -24.08
N GLU B 264 1.90 27.67 -25.34
CA GLU B 264 2.37 29.00 -25.70
C GLU B 264 1.34 30.09 -25.41
N LYS B 265 0.06 29.83 -25.67
CA LYS B 265 -0.95 30.85 -25.40
C LYS B 265 -1.11 31.12 -23.90
N GLU B 266 -1.26 30.05 -23.12
CA GLU B 266 -1.26 30.15 -21.67
C GLU B 266 -0.06 30.95 -21.20
N LEU B 267 1.10 30.65 -21.79
CA LEU B 267 2.39 31.20 -21.37
C LEU B 267 2.46 32.69 -21.59
N GLU B 268 1.93 33.10 -22.74
CA GLU B 268 1.91 34.49 -23.13
C GLU B 268 0.96 35.20 -22.20
N GLU B 269 -0.17 34.57 -21.88
CA GLU B 269 -1.11 35.21 -20.96
C GLU B 269 -0.52 35.43 -19.57
N GLN B 270 0.29 34.48 -19.15
CA GLN B 270 0.80 34.48 -17.80
C GLN B 270 1.89 35.50 -17.65
N LEU B 271 2.69 35.65 -18.71
CA LEU B 271 3.79 36.60 -18.76
C LEU B 271 3.30 38.05 -18.68
N LYS B 272 2.24 38.36 -19.44
CA LYS B 272 1.52 39.63 -19.32
C LYS B 272 1.26 39.99 -17.86
N VAL B 273 0.79 39.02 -17.10
CA VAL B 273 0.29 39.26 -15.75
C VAL B 273 1.42 39.44 -14.74
N MET B 274 2.50 38.71 -14.91
CA MET B 274 3.66 38.87 -14.04
C MET B 274 4.38 40.18 -14.35
N HIS B 275 4.55 40.47 -15.65
CA HIS B 275 5.24 41.69 -16.02
C HIS B 275 4.37 42.84 -15.52
N GLU B 276 3.07 42.80 -15.81
CA GLU B 276 2.10 43.73 -15.21
C GLU B 276 2.18 43.88 -13.70
N ASN B 277 2.67 42.87 -12.99
CA ASN B 277 2.69 43.02 -11.54
C ASN B 277 4.12 43.17 -11.01
N GLY B 278 5.03 43.38 -11.95
CA GLY B 278 6.43 43.56 -11.60
C GLY B 278 6.98 42.32 -10.96
N LYS B 279 6.52 41.15 -11.41
CA LYS B 279 7.14 39.91 -11.01
C LYS B 279 8.12 39.57 -12.13
N LEU B 280 9.23 40.30 -12.20
CA LEU B 280 10.10 40.23 -13.39
C LEU B 280 10.96 38.97 -13.37
N LEU B 281 11.65 38.78 -12.24
CA LEU B 281 12.46 37.60 -12.03
C LEU B 281 11.63 36.33 -12.33
N GLU B 282 10.47 36.22 -11.72
CA GLU B 282 9.62 35.06 -11.93
C GLU B 282 9.24 34.80 -13.41
N ALA B 283 9.00 35.86 -14.18
CA ALA B 283 8.66 35.71 -15.61
C ALA B 283 9.88 35.33 -16.46
N GLN B 284 11.05 35.78 -16.03
CA GLN B 284 12.24 35.49 -16.79
C GLN B 284 12.36 33.97 -16.78
N ARG B 285 12.27 33.42 -15.57
CA ARG B 285 12.28 31.97 -15.30
C ARG B 285 11.11 31.18 -15.92
N LEU B 286 9.88 31.67 -15.75
CA LEU B 286 8.74 30.92 -16.27
C LEU B 286 9.00 30.63 -17.75
N GLU B 287 9.30 31.71 -18.44
CA GLU B 287 9.48 31.71 -19.88
C GLU B 287 10.69 30.92 -20.32
N GLN B 288 11.83 31.14 -19.65
CA GLN B 288 13.04 30.33 -19.87
C GLN B 288 12.71 28.86 -19.82
N ARG B 289 12.08 28.46 -18.72
CA ARG B 289 11.79 27.06 -18.47
C ARG B 289 10.75 26.52 -19.43
N THR B 290 9.62 27.21 -19.51
CA THR B 290 8.56 26.77 -20.39
C THR B 290 9.00 26.69 -21.84
N ARG B 291 9.89 27.60 -22.27
CA ARG B 291 10.32 27.57 -23.66
C ARG B 291 11.22 26.40 -23.98
N TYR B 292 12.17 26.10 -23.09
CA TYR B 292 12.96 24.88 -23.25
C TYR B 292 12.07 23.66 -23.29
N ASP B 293 11.16 23.55 -22.34
CA ASP B 293 10.27 22.41 -22.25
C ASP B 293 9.58 22.24 -23.60
N LEU B 294 9.24 23.36 -24.20
CA LEU B 294 8.50 23.37 -25.45
C LEU B 294 9.34 22.93 -26.64
N GLU B 295 10.58 23.41 -26.70
CA GLU B 295 11.48 23.06 -27.80
C GLU B 295 11.58 21.55 -27.83
N MET B 296 11.89 20.99 -26.66
CA MET B 296 12.03 19.55 -26.44
C MET B 296 10.77 18.75 -26.82
N MET B 297 9.63 19.40 -26.75
CA MET B 297 8.43 18.71 -27.07
C MET B 297 8.19 18.68 -28.57
N ARG B 298 8.76 19.64 -29.29
CA ARG B 298 8.68 19.66 -30.75
C ARG B 298 9.66 18.67 -31.36
N GLU B 299 10.86 18.64 -30.78
CA GLU B 299 11.89 17.72 -31.19
C GLU B 299 11.58 16.27 -30.80
N MET B 300 11.13 16.04 -29.56
CA MET B 300 11.07 14.66 -29.01
C MET B 300 9.69 14.19 -28.62
N GLY B 301 8.75 15.12 -28.51
CA GLY B 301 7.45 14.80 -27.95
C GLY B 301 7.75 14.20 -26.60
N PHE B 302 8.72 14.79 -25.92
CA PHE B 302 9.04 14.43 -24.56
C PHE B 302 9.95 15.47 -23.94
N CYS B 303 9.70 15.71 -22.64
CA CYS B 303 10.60 16.45 -21.77
C CYS B 303 10.39 15.92 -20.38
N SER B 304 11.40 16.07 -19.55
CA SER B 304 11.21 15.70 -18.16
C SER B 304 10.10 16.58 -17.62
N GLY B 305 9.46 16.16 -16.53
CA GLY B 305 8.38 16.94 -15.98
C GLY B 305 7.22 17.12 -16.93
N ILE B 306 7.18 16.29 -17.97
CA ILE B 306 6.13 16.35 -18.98
C ILE B 306 4.72 16.25 -18.37
N GLU B 307 4.64 15.54 -17.25
CA GLU B 307 3.39 15.30 -16.53
C GLU B 307 2.77 16.58 -16.03
N ASN B 308 3.60 17.62 -15.88
CA ASN B 308 3.10 18.91 -15.48
C ASN B 308 2.24 19.47 -16.57
N TYR B 309 2.39 18.96 -17.77
CA TYR B 309 1.65 19.50 -18.87
C TYR B 309 0.50 18.59 -19.21
N SER B 310 0.27 17.58 -18.36
CA SER B 310 -0.72 16.56 -18.67
C SER B 310 -2.06 17.13 -19.13
N ARG B 311 -2.66 18.04 -18.38
CA ARG B 311 -3.97 18.52 -18.78
C ARG B 311 -3.95 19.07 -20.18
N HIS B 312 -2.88 19.75 -20.53
CA HIS B 312 -2.72 20.22 -21.87
C HIS B 312 -2.65 19.13 -22.94
N LEU B 313 -2.11 17.96 -22.58
CA LEU B 313 -2.00 16.87 -23.55
C LEU B 313 -3.31 16.11 -23.77
N THR B 314 -4.25 16.27 -22.85
CA THR B 314 -5.61 15.78 -23.00
C THR B 314 -6.49 16.76 -23.81
N LEU B 315 -5.96 17.93 -24.15
CA LEU B 315 -6.78 18.96 -24.75
C LEU B 315 -8.02 19.28 -23.87
N ARG B 316 -7.99 18.95 -22.60
CA ARG B 316 -9.14 19.16 -21.79
C ARG B 316 -9.08 20.49 -21.05
N PRO B 317 -10.25 21.13 -20.92
CA PRO B 317 -10.52 22.43 -20.30
C PRO B 317 -10.06 22.49 -18.84
N PRO B 318 -9.54 23.66 -18.39
CA PRO B 318 -9.01 23.82 -17.02
C PRO B 318 -9.95 23.41 -15.91
N GLY B 319 -9.36 22.96 -14.80
CA GLY B 319 -10.09 22.62 -13.57
C GLY B 319 -10.72 21.26 -13.59
N SER B 320 -10.56 20.57 -14.73
CA SER B 320 -11.05 19.22 -15.03
C SER B 320 -10.51 18.17 -14.09
N THR B 321 -11.44 17.35 -13.59
CA THR B 321 -11.14 16.19 -12.79
C THR B 321 -10.24 15.31 -13.62
N PRO B 322 -9.12 14.90 -13.02
CA PRO B 322 -8.28 13.87 -13.56
C PRO B 322 -9.04 12.57 -13.79
N TYR B 323 -8.53 11.76 -14.70
CA TYR B 323 -8.97 10.37 -14.74
C TYR B 323 -8.08 9.61 -13.76
N THR B 324 -8.70 8.72 -12.97
CA THR B 324 -8.03 7.89 -11.98
C THR B 324 -8.48 6.48 -12.19
N LEU B 325 -7.80 5.55 -11.51
CA LEU B 325 -8.27 4.19 -11.35
C LEU B 325 -9.78 4.15 -11.14
N LEU B 326 -10.31 5.05 -10.31
CA LEU B 326 -11.74 5.05 -9.97
C LEU B 326 -12.56 5.00 -11.26
N ASP B 327 -11.95 5.51 -12.31
CA ASP B 327 -12.65 5.66 -13.55
C ASP B 327 -12.55 4.43 -14.43
N TYR B 328 -11.59 3.56 -14.15
CA TYR B 328 -11.43 2.33 -14.90
C TYR B 328 -12.41 1.25 -14.46
N PHE B 329 -13.11 1.48 -13.36
CA PHE B 329 -14.08 0.52 -12.84
C PHE B 329 -15.47 0.62 -13.51
N PRO B 330 -16.25 -0.48 -13.46
CA PRO B 330 -17.70 -0.43 -13.70
C PRO B 330 -18.34 0.54 -12.73
N ASP B 331 -19.48 1.15 -13.13
CA ASP B 331 -20.27 2.07 -12.30
C ASP B 331 -20.76 1.40 -11.01
N ASP B 332 -20.96 0.11 -11.13
CA ASP B 332 -21.52 -0.74 -10.14
C ASP B 332 -20.30 -1.38 -9.52
N PHE B 333 -19.67 -0.69 -8.56
CA PHE B 333 -18.49 -1.24 -7.89
C PHE B 333 -18.42 -0.87 -6.43
N MET B 334 -17.61 -1.64 -5.69
CA MET B 334 -17.59 -1.56 -4.24
C MET B 334 -16.22 -1.08 -3.76
N ILE B 335 -16.21 -0.24 -2.71
CA ILE B 335 -14.94 0.24 -2.14
C ILE B 335 -14.84 -0.20 -0.70
N VAL B 336 -13.72 -0.80 -0.34
CA VAL B 336 -13.49 -1.16 1.02
C VAL B 336 -12.28 -0.36 1.51
N VAL B 337 -12.47 0.30 2.64
CA VAL B 337 -11.54 1.28 3.10
C VAL B 337 -11.01 0.70 4.34
N ASP B 338 -9.80 0.17 4.26
CA ASP B 338 -9.25 -0.42 5.43
C ASP B 338 -8.65 0.66 6.33
N GLU B 339 -8.92 0.58 7.62
CA GLU B 339 -8.45 1.59 8.56
C GLU B 339 -8.90 3.00 8.16
N SER B 340 -10.20 3.10 8.01
CA SER B 340 -10.84 4.31 7.54
C SER B 340 -10.53 5.54 8.41
N HIS B 341 -10.30 5.33 9.71
CA HIS B 341 -10.00 6.47 10.54
C HIS B 341 -8.69 7.11 10.04
N VAL B 342 -7.74 6.30 9.58
CA VAL B 342 -6.51 6.88 9.07
C VAL B 342 -6.60 7.13 7.58
N THR B 343 -7.21 6.19 6.86
CA THR B 343 -7.21 6.26 5.39
C THR B 343 -8.06 7.40 4.82
N ILE B 344 -9.10 7.83 5.51
CA ILE B 344 -9.99 8.84 4.93
C ILE B 344 -9.32 10.21 4.99
N PRO B 345 -8.89 10.64 6.19
CA PRO B 345 -7.99 11.74 6.36
C PRO B 345 -6.91 11.82 5.33
N GLN B 346 -6.16 10.73 5.17
CA GLN B 346 -5.17 10.62 4.12
C GLN B 346 -5.76 10.88 2.74
N VAL B 347 -6.89 10.27 2.39
CA VAL B 347 -7.41 10.48 1.05
C VAL B 347 -7.77 11.96 0.86
N ARG B 348 -8.25 12.61 1.92
CA ARG B 348 -8.64 14.01 1.84
C ARG B 348 -7.42 14.93 1.77
N GLY B 349 -6.43 14.67 2.60
CA GLY B 349 -5.26 15.52 2.67
C GLY B 349 -4.39 15.56 1.41
N MET B 350 -4.69 14.72 0.42
CA MET B 350 -3.85 14.60 -0.76
C MET B 350 -3.93 15.83 -1.67
N PHE B 351 -5.14 16.22 -2.05
CA PHE B 351 -5.35 17.38 -2.93
C PHE B 351 -4.64 18.61 -2.34
N ASN B 352 -4.95 18.93 -1.07
CA ASN B 352 -4.42 20.10 -0.37
C ASN B 352 -2.93 20.15 -0.15
N GLY B 353 -2.33 19.00 0.10
CA GLY B 353 -0.88 18.91 0.21
C GLY B 353 -0.25 19.10 -1.16
N ASP B 354 -0.90 18.58 -2.20
CA ASP B 354 -0.41 18.68 -3.57
C ASP B 354 -0.45 20.12 -4.10
N GLN B 355 -1.55 20.81 -3.79
CA GLN B 355 -1.81 22.12 -4.33
C GLN B 355 -0.98 23.18 -3.63
N ALA B 356 -0.54 22.88 -2.42
CA ALA B 356 0.29 23.83 -1.69
C ALA B 356 1.66 23.87 -2.34
N ARG B 357 2.23 22.70 -2.59
CA ARG B 357 3.54 22.55 -3.20
C ARG B 357 3.71 23.22 -4.59
N LYS B 358 2.67 23.09 -5.39
CA LYS B 358 2.62 23.60 -6.75
C LYS B 358 2.35 25.10 -6.79
N GLN B 359 1.55 25.60 -5.86
CA GLN B 359 1.27 27.03 -5.82
C GLN B 359 2.50 27.84 -5.49
N VAL B 360 3.39 27.31 -4.67
CA VAL B 360 4.58 28.08 -4.39
C VAL B 360 5.53 28.00 -5.58
N LEU B 361 5.46 26.91 -6.34
CA LEU B 361 6.24 26.73 -7.57
C LEU B 361 5.77 27.69 -8.66
N VAL B 362 4.44 27.79 -8.79
CA VAL B 362 3.80 28.67 -9.75
C VAL B 362 3.92 30.14 -9.36
N ASP B 363 3.80 30.43 -8.08
CA ASP B 363 3.95 31.80 -7.64
C ASP B 363 5.36 32.27 -7.96
N HIS B 364 6.31 31.35 -7.95
CA HIS B 364 7.69 31.71 -8.17
C HIS B 364 8.10 31.35 -9.57
N GLY B 365 7.11 31.06 -10.40
CA GLY B 365 7.35 30.85 -11.80
C GLY B 365 8.10 29.61 -12.26
N PHE B 366 8.03 28.49 -11.53
CA PHE B 366 8.66 27.29 -12.08
C PHE B 366 7.71 26.52 -12.99
N ARG B 367 6.41 26.71 -12.79
CA ARG B 367 5.42 25.95 -13.49
C ARG B 367 4.27 26.85 -13.86
N LEU B 368 3.63 26.57 -15.00
CA LEU B 368 2.40 27.29 -15.43
C LEU B 368 1.22 26.97 -14.52
N PRO B 369 0.21 27.86 -14.49
CA PRO B 369 -0.93 27.56 -13.64
C PRO B 369 -1.56 26.24 -14.06
N SER B 370 -1.47 25.90 -15.35
CA SER B 370 -2.05 24.67 -15.84
C SER B 370 -1.52 23.42 -15.13
N ALA B 371 -0.41 23.55 -14.40
CA ALA B 371 0.26 22.43 -13.72
C ALA B 371 -0.52 21.91 -12.53
N LEU B 372 -1.46 22.71 -12.07
CA LEU B 372 -2.26 22.32 -10.90
C LEU B 372 -3.37 21.38 -11.32
N ASP B 373 -3.61 21.31 -12.63
CA ASP B 373 -4.62 20.42 -13.19
C ASP B 373 -4.03 19.01 -13.22
N ASN B 374 -2.78 18.90 -12.79
CA ASN B 374 -2.13 17.60 -12.62
C ASN B 374 -2.03 17.36 -11.13
N ARG B 375 -3.07 16.70 -10.60
CA ARG B 375 -3.35 16.61 -9.16
C ARG B 375 -4.07 15.32 -8.80
N PRO B 376 -4.10 14.95 -7.50
CA PRO B 376 -5.00 13.89 -7.07
C PRO B 376 -6.43 14.41 -7.06
N LEU B 377 -7.39 13.59 -6.68
CA LEU B 377 -8.76 14.03 -6.59
C LEU B 377 -9.06 14.84 -5.31
N ARG B 378 -9.97 15.81 -5.42
CA ARG B 378 -10.60 16.38 -4.24
C ARG B 378 -11.51 15.33 -3.65
N PHE B 379 -11.71 15.38 -2.35
CA PHE B 379 -12.60 14.44 -1.70
C PHE B 379 -14.04 14.46 -2.23
N GLU B 380 -14.51 15.59 -2.79
CA GLU B 380 -15.87 15.68 -3.36
C GLU B 380 -15.95 14.81 -4.59
N GLU B 381 -14.83 14.81 -5.34
CA GLU B 381 -14.66 14.00 -6.53
C GLU B 381 -14.57 12.53 -6.16
N PHE B 382 -13.73 12.16 -5.19
CA PHE B 382 -13.72 10.82 -4.63
C PHE B 382 -15.14 10.37 -4.29
N GLU B 383 -15.84 11.21 -3.54
CA GLU B 383 -17.21 10.94 -3.09
C GLU B 383 -18.06 10.56 -4.30
N LYS B 384 -17.76 11.10 -5.45
CA LYS B 384 -18.65 10.90 -6.56
C LYS B 384 -18.54 9.49 -7.08
N HIS B 385 -17.50 8.78 -6.68
CA HIS B 385 -17.30 7.40 -7.15
C HIS B 385 -17.76 6.40 -6.10
N MET B 386 -18.42 6.91 -5.07
CA MET B 386 -18.89 6.05 -4.03
C MET B 386 -20.23 5.47 -4.45
N HIS B 387 -20.21 4.26 -5.03
CA HIS B 387 -21.43 3.47 -5.23
C HIS B 387 -21.83 2.82 -3.86
N ASN B 388 -21.15 1.75 -3.44
CA ASN B 388 -21.22 1.25 -2.06
C ASN B 388 -19.85 1.32 -1.43
N ILE B 389 -19.77 1.73 -0.17
CA ILE B 389 -18.49 1.84 0.50
C ILE B 389 -18.54 1.24 1.91
N VAL B 390 -17.59 0.37 2.23
CA VAL B 390 -17.53 -0.22 3.54
C VAL B 390 -16.28 0.28 4.25
N TYR B 391 -16.43 0.81 5.46
CA TYR B 391 -15.33 1.33 6.24
C TYR B 391 -14.97 0.33 7.34
N VAL B 392 -13.69 -0.05 7.42
CA VAL B 392 -13.23 -1.02 8.40
C VAL B 392 -12.32 -0.32 9.42
N SER B 393 -12.68 -0.40 10.69
CA SER B 393 -12.01 0.30 11.75
C SER B 393 -12.55 -0.14 13.10
N ALA B 394 -11.66 -0.35 14.07
CA ALA B 394 -12.09 -0.52 15.48
C ALA B 394 -12.49 0.83 16.09
N THR B 395 -12.17 1.90 15.39
CA THR B 395 -12.38 3.25 15.87
C THR B 395 -12.81 4.12 14.67
N PRO B 396 -14.04 3.92 14.16
CA PRO B 396 -14.42 4.79 13.03
C PRO B 396 -14.18 6.31 13.32
N GLY B 397 -13.63 6.98 12.30
CA GLY B 397 -13.60 8.44 12.25
C GLY B 397 -14.97 9.09 12.16
N PRO B 398 -15.00 10.43 12.23
CA PRO B 398 -16.23 11.24 12.18
C PRO B 398 -17.00 11.14 10.86
N TYR B 399 -16.31 11.21 9.72
CA TYR B 399 -16.94 11.01 8.40
C TYR B 399 -17.72 9.69 8.35
N GLU B 400 -17.07 8.65 8.84
CA GLU B 400 -17.61 7.31 8.78
C GLU B 400 -18.88 7.17 9.63
N ILE B 401 -18.84 7.72 10.83
CA ILE B 401 -19.94 7.70 11.77
C ILE B 401 -21.09 8.51 11.21
N GLU B 402 -20.78 9.69 10.72
CA GLU B 402 -21.80 10.58 10.25
C GLU B 402 -22.62 9.96 9.12
N HIS B 403 -21.97 9.18 8.25
CA HIS B 403 -22.63 8.64 7.05
C HIS B 403 -23.11 7.18 7.21
N THR B 404 -22.93 6.57 8.36
CA THR B 404 -23.44 5.21 8.55
C THR B 404 -24.70 5.26 9.38
N ASP B 405 -25.73 4.50 9.01
CA ASP B 405 -26.94 4.51 9.83
C ASP B 405 -26.77 3.64 11.07
N GLU B 406 -26.39 2.38 10.89
CA GLU B 406 -26.02 1.57 12.04
C GLU B 406 -24.72 0.90 11.75
N MET B 407 -23.82 0.98 12.72
CA MET B 407 -22.58 0.22 12.72
C MET B 407 -22.83 -1.27 12.66
N VAL B 408 -21.85 -1.99 12.15
CA VAL B 408 -21.84 -3.42 12.17
C VAL B 408 -20.58 -3.79 12.95
N GLU B 409 -20.80 -4.35 14.11
CA GLU B 409 -19.78 -4.64 15.05
C GLU B 409 -19.25 -6.06 14.88
N GLN B 410 -17.95 -6.24 14.99
CA GLN B 410 -17.43 -7.58 14.97
C GLN B 410 -16.37 -7.74 16.01
N ILE B 411 -16.73 -8.41 17.11
CA ILE B 411 -15.88 -8.41 18.28
C ILE B 411 -15.32 -9.79 18.70
N ILE B 412 -15.74 -10.87 18.04
CA ILE B 412 -15.35 -12.20 18.52
C ILE B 412 -14.14 -12.65 17.78
N ARG B 413 -13.03 -12.78 18.50
CA ARG B 413 -11.84 -13.30 17.89
C ARG B 413 -11.98 -14.77 17.69
N PRO B 414 -11.29 -15.30 16.69
CA PRO B 414 -11.37 -16.68 16.21
C PRO B 414 -11.00 -17.67 17.30
N THR B 415 -9.86 -17.48 17.97
CA THR B 415 -9.46 -18.34 19.10
C THR B 415 -9.98 -17.83 20.43
N GLY B 416 -10.97 -16.94 20.37
CA GLY B 416 -11.67 -16.51 21.59
C GLY B 416 -10.84 -15.65 22.51
N LEU B 417 -9.60 -15.36 22.10
CA LEU B 417 -8.78 -14.29 22.68
C LEU B 417 -9.62 -13.12 23.10
N LEU B 418 -9.45 -12.73 24.36
CA LEU B 418 -10.26 -11.69 24.99
C LEU B 418 -9.65 -10.26 24.86
N ASP B 419 -10.49 -9.24 24.86
CA ASP B 419 -9.99 -7.87 25.07
C ASP B 419 -9.30 -7.82 26.42
N PRO B 420 -8.17 -7.10 26.51
CA PRO B 420 -7.35 -7.02 27.74
C PRO B 420 -7.93 -6.32 28.99
N LEU B 421 -7.45 -6.73 30.17
CA LEU B 421 -7.84 -6.13 31.44
C LEU B 421 -7.09 -4.86 31.65
N ILE B 422 -7.81 -3.82 32.11
CA ILE B 422 -7.16 -2.54 32.31
C ILE B 422 -7.02 -2.12 33.76
N ASP B 423 -5.79 -1.82 34.15
CA ASP B 423 -5.55 -1.24 35.44
C ASP B 423 -5.30 0.24 35.22
N VAL B 424 -5.99 1.08 35.99
CA VAL B 424 -5.55 2.47 36.17
C VAL B 424 -4.84 2.58 37.52
N ARG B 425 -3.68 3.21 37.51
CA ARG B 425 -2.89 3.40 38.72
C ARG B 425 -2.33 4.83 38.64
N PRO B 426 -1.94 5.45 39.78
CA PRO B 426 -1.48 6.84 39.78
C PRO B 426 -0.10 7.13 39.14
N ILE B 427 0.11 8.39 38.76
CA ILE B 427 1.34 8.89 38.13
C ILE B 427 2.55 8.84 39.10
N GLU B 428 2.28 8.93 40.41
CA GLU B 428 3.35 8.75 41.39
C GLU B 428 3.74 7.27 41.55
N GLY B 429 5.06 7.00 41.53
CA GLY B 429 5.60 5.62 41.60
C GLY B 429 5.72 4.99 40.21
N GLN B 430 5.06 5.66 39.26
CA GLN B 430 4.97 5.33 37.83
C GLN B 430 6.11 4.44 37.33
N ILE B 431 7.31 5.03 37.30
CA ILE B 431 8.45 4.38 36.70
C ILE B 431 8.77 3.15 37.48
N ASP B 432 8.67 3.27 38.79
CA ASP B 432 8.97 2.16 39.65
C ASP B 432 7.94 1.06 39.47
N ASP B 433 6.68 1.33 39.79
CA ASP B 433 5.59 0.38 39.52
C ASP B 433 5.76 -0.34 38.20
N LEU B 434 6.00 0.43 37.15
CA LEU B 434 6.23 -0.10 35.80
C LEU B 434 7.43 -1.06 35.75
N ILE B 435 8.57 -0.60 36.28
CA ILE B 435 9.81 -1.42 36.37
C ILE B 435 9.56 -2.84 36.89
N GLY B 436 8.78 -2.98 37.96
CA GLY B 436 8.44 -4.29 38.54
C GLY B 436 7.49 -5.10 37.68
N GLU B 437 6.61 -4.41 36.99
CA GLU B 437 5.70 -5.06 36.04
C GLU B 437 6.48 -5.60 34.83
N ILE B 438 7.51 -4.87 34.39
CA ILE B 438 8.45 -5.36 33.35
C ILE B 438 9.28 -6.58 33.85
N GLN B 439 9.98 -6.42 34.97
CA GLN B 439 10.79 -7.51 35.53
C GLN B 439 9.96 -8.81 35.53
N ALA B 440 8.77 -8.78 36.15
CA ALA B 440 7.84 -9.90 36.19
C ALA B 440 7.63 -10.52 34.80
N ARG B 441 7.43 -9.64 33.82
CA ARG B 441 7.17 -10.05 32.43
C ARG B 441 8.39 -10.75 31.77
N ILE B 442 9.60 -10.30 32.14
CA ILE B 442 10.85 -10.86 31.64
C ILE B 442 11.02 -12.29 32.13
N GLU B 443 10.42 -12.52 33.30
CA GLU B 443 10.40 -13.81 34.01
C GLU B 443 9.42 -14.84 33.43
N ARG B 444 8.48 -14.38 32.60
CA ARG B 444 7.51 -15.27 31.94
C ARG B 444 7.73 -15.28 30.44
N ASN B 445 8.99 -15.07 30.05
CA ASN B 445 9.42 -14.92 28.67
C ASN B 445 8.34 -14.26 27.81
N GLU B 446 7.93 -13.06 28.23
CA GLU B 446 6.89 -12.25 27.56
C GLU B 446 7.44 -10.84 27.31
N ARG B 447 6.88 -10.11 26.35
CA ARG B 447 7.35 -8.73 26.01
C ARG B 447 6.42 -7.54 26.45
N VAL B 448 6.94 -6.32 26.41
CA VAL B 448 6.17 -5.15 26.90
C VAL B 448 6.25 -4.00 25.93
N LEU B 449 5.12 -3.30 25.72
CA LEU B 449 5.13 -2.04 24.97
C LEU B 449 4.80 -0.93 25.92
N VAL B 450 5.63 0.10 25.92
CA VAL B 450 5.24 1.25 26.69
C VAL B 450 5.21 2.47 25.82
N THR B 451 4.14 3.24 25.95
CA THR B 451 4.01 4.50 25.24
C THR B 451 4.22 5.68 26.16
N THR B 452 4.97 6.63 25.65
CA THR B 452 5.23 7.81 26.39
C THR B 452 4.62 8.94 25.61
N LEU B 453 4.46 10.08 26.25
CA LEU B 453 3.98 11.22 25.52
C LEU B 453 5.02 11.93 24.67
N THR B 454 6.29 11.84 25.06
CA THR B 454 7.33 12.75 24.57
C THR B 454 8.60 12.04 24.19
N LYS B 455 9.38 12.67 23.32
CA LYS B 455 10.75 12.27 23.10
C LYS B 455 11.46 12.23 24.47
N LYS B 456 11.40 13.33 25.22
CA LYS B 456 12.12 13.39 26.50
C LYS B 456 11.89 12.17 27.40
N MET B 457 10.64 11.91 27.77
CA MET B 457 10.32 10.82 28.69
C MET B 457 10.67 9.43 28.12
N SER B 458 10.47 9.27 26.83
CA SER B 458 10.80 8.03 26.14
C SER B 458 12.31 7.77 26.24
N GLU B 459 13.11 8.79 25.94
CA GLU B 459 14.57 8.66 25.90
C GLU B 459 15.13 8.26 27.24
N ASP B 460 14.72 9.01 28.27
CA ASP B 460 15.17 8.78 29.62
C ASP B 460 14.85 7.37 30.07
N LEU B 461 13.56 7.08 30.18
CA LEU B 461 13.08 5.76 30.58
C LEU B 461 13.78 4.62 29.82
N THR B 462 14.11 4.85 28.56
CA THR B 462 14.88 3.87 27.82
C THR B 462 16.30 3.71 28.36
N ASP B 463 16.97 4.83 28.60
CA ASP B 463 18.31 4.81 29.19
C ASP B 463 18.25 4.19 30.60
N TYR B 464 17.18 4.51 31.34
CA TYR B 464 16.95 3.87 32.63
C TYR B 464 16.88 2.36 32.48
N LEU B 465 16.13 1.89 31.49
CA LEU B 465 15.92 0.48 31.38
C LEU B 465 17.26 -0.20 31.08
N LYS B 466 17.97 0.32 30.08
CA LYS B 466 19.26 -0.20 29.69
C LYS B 466 20.24 -0.15 30.87
N GLU B 467 20.38 1.00 31.50
CA GLU B 467 21.20 1.12 32.71
C GLU B 467 20.99 -0.07 33.66
N ILE B 468 19.76 -0.61 33.71
CA ILE B 468 19.41 -1.67 34.66
C ILE B 468 19.62 -3.08 34.15
N GLY B 469 20.05 -3.22 32.90
CA GLY B 469 20.29 -4.54 32.32
C GLY B 469 19.07 -5.20 31.67
N ILE B 470 18.00 -4.40 31.50
CA ILE B 470 16.82 -4.78 30.73
C ILE B 470 17.10 -4.51 29.25
N LYS B 471 16.58 -5.37 28.37
CA LYS B 471 16.76 -5.20 26.92
C LYS B 471 15.55 -4.48 26.27
N VAL B 472 15.87 -3.40 25.57
CA VAL B 472 14.88 -2.40 25.23
C VAL B 472 15.26 -1.71 23.95
N ASN B 473 14.25 -1.19 23.28
CA ASN B 473 14.48 -0.38 22.15
C ASN B 473 13.52 0.76 22.12
N TYR B 474 14.05 1.88 21.68
CA TYR B 474 13.29 3.08 21.59
C TYR B 474 12.87 3.25 20.15
N LEU B 475 11.58 3.20 19.87
CA LEU B 475 11.09 3.53 18.54
C LEU B 475 11.05 5.05 18.28
N HIS B 476 12.17 5.64 17.86
CA HIS B 476 12.22 7.04 17.37
C HIS B 476 11.22 7.27 16.23
N SER B 477 10.51 8.40 16.27
CA SER B 477 9.50 8.72 15.24
C SER B 477 10.16 8.80 13.87
N GLU B 478 11.46 9.06 13.86
CA GLU B 478 12.23 9.08 12.62
C GLU B 478 12.48 7.66 12.03
N ILE B 479 12.01 6.59 12.68
CA ILE B 479 12.26 5.27 12.15
C ILE B 479 11.33 4.84 10.99
N LYS B 480 11.95 4.43 9.88
CA LYS B 480 11.27 3.97 8.67
C LYS B 480 10.66 2.60 8.95
N THR B 481 9.56 2.26 8.28
CA THR B 481 8.84 1.01 8.61
C THR B 481 9.74 -0.20 8.37
N LEU B 482 10.53 -0.11 7.30
CA LEU B 482 11.49 -1.16 6.96
C LEU B 482 12.35 -1.47 8.15
N GLU B 483 12.77 -0.42 8.84
CA GLU B 483 13.58 -0.57 10.01
C GLU B 483 12.72 -1.03 11.19
N ARG B 484 11.51 -0.50 11.29
CA ARG B 484 10.62 -0.81 12.40
C ARG B 484 10.34 -2.30 12.46
N ILE B 485 10.28 -2.91 11.28
CA ILE B 485 10.01 -4.33 11.16
C ILE B 485 11.18 -5.20 11.65
N GLU B 486 12.42 -4.76 11.36
CA GLU B 486 13.61 -5.41 11.93
C GLU B 486 13.55 -5.38 13.46
N ILE B 487 13.15 -4.22 13.99
CA ILE B 487 13.02 -4.02 15.43
C ILE B 487 11.88 -4.84 16.07
N ILE B 488 10.65 -4.70 15.57
CA ILE B 488 9.55 -5.59 15.97
C ILE B 488 10.00 -7.08 15.98
N ARG B 489 10.44 -7.61 14.84
CA ARG B 489 10.97 -8.99 14.78
C ARG B 489 11.89 -9.25 15.99
N ASP B 490 12.96 -8.47 16.08
CA ASP B 490 13.85 -8.61 17.21
C ASP B 490 13.08 -8.71 18.54
N LEU B 491 12.05 -7.87 18.73
CA LEU B 491 11.25 -7.91 19.98
C LEU B 491 10.58 -9.26 20.09
N ARG B 492 9.93 -9.69 18.99
CA ARG B 492 9.34 -11.03 18.90
C ARG B 492 10.34 -12.09 19.32
N LEU B 493 11.51 -12.09 18.69
CA LEU B 493 12.55 -13.10 18.96
C LEU B 493 13.10 -13.04 20.40
N GLY B 494 12.99 -11.90 21.08
CA GLY B 494 13.61 -11.73 22.42
C GLY B 494 14.95 -10.98 22.54
N LYS B 495 15.43 -10.37 21.45
CA LYS B 495 16.63 -9.51 21.49
C LYS B 495 16.38 -8.23 22.25
N TYR B 496 15.11 -7.80 22.28
CA TYR B 496 14.65 -6.80 23.23
C TYR B 496 13.51 -7.40 24.06
N ASP B 497 13.33 -6.94 25.28
CA ASP B 497 12.16 -7.39 26.03
C ASP B 497 11.08 -6.32 26.15
N VAL B 498 11.47 -5.07 25.91
CA VAL B 498 10.53 -3.99 25.99
C VAL B 498 10.75 -3.06 24.84
N LEU B 499 9.64 -2.54 24.30
CA LEU B 499 9.65 -1.44 23.37
C LEU B 499 9.03 -0.25 24.01
N VAL B 500 9.70 0.87 23.79
CA VAL B 500 9.22 2.13 24.27
C VAL B 500 9.08 3.06 23.08
N GLY B 501 7.96 3.77 23.01
CA GLY B 501 7.74 4.77 21.97
C GLY B 501 6.69 5.81 22.32
N ILE B 502 6.40 6.67 21.36
CA ILE B 502 5.34 7.63 21.48
C ILE B 502 4.08 7.05 20.81
N ASN B 503 4.15 6.79 19.52
CA ASN B 503 3.05 6.16 18.82
C ASN B 503 3.26 4.64 18.63
N LEU B 504 2.39 3.84 19.26
CA LEU B 504 2.50 2.39 19.07
C LEU B 504 1.53 1.94 17.97
N LEU B 505 0.79 2.90 17.45
CA LEU B 505 -0.19 2.63 16.45
C LEU B 505 0.51 2.59 15.11
N ARG B 506 1.84 2.78 15.14
CA ARG B 506 2.65 2.59 13.94
C ARG B 506 2.60 1.09 13.56
N GLU B 507 2.65 0.90 12.25
CA GLU B 507 2.34 -0.34 11.55
C GLU B 507 3.11 -1.57 12.02
N GLY B 508 2.37 -2.67 12.10
CA GLY B 508 2.94 -3.97 12.41
C GLY B 508 3.23 -4.15 13.88
N LEU B 509 2.72 -3.25 14.72
CA LEU B 509 2.98 -3.36 16.18
C LEU B 509 2.08 -4.39 16.90
N ASP B 510 1.33 -5.14 16.11
CA ASP B 510 0.44 -6.15 16.65
C ASP B 510 1.09 -7.53 16.79
N ILE B 511 1.56 -7.87 18.00
CA ILE B 511 2.44 -9.03 18.17
C ILE B 511 2.03 -9.92 19.36
N PRO B 512 1.88 -11.24 19.12
CA PRO B 512 1.20 -12.08 20.09
C PRO B 512 2.00 -12.26 21.37
N GLU B 513 3.33 -12.11 21.29
CA GLU B 513 4.20 -12.27 22.48
C GLU B 513 4.13 -11.12 23.52
N VAL B 514 3.45 -10.02 23.17
CA VAL B 514 3.27 -8.87 24.06
C VAL B 514 2.13 -9.13 25.03
N SER B 515 2.47 -9.22 26.32
CA SER B 515 1.48 -9.55 27.35
C SER B 515 1.06 -8.38 28.25
N LEU B 516 1.68 -7.23 28.06
CA LEU B 516 1.34 -6.00 28.77
C LEU B 516 1.68 -4.71 27.98
N VAL B 517 0.73 -3.76 28.05
CA VAL B 517 0.92 -2.45 27.44
C VAL B 517 0.82 -1.34 28.50
N ALA B 518 1.91 -0.65 28.77
CA ALA B 518 1.87 0.44 29.74
C ALA B 518 1.68 1.74 29.03
N ILE B 519 0.66 2.48 29.48
CA ILE B 519 0.34 3.79 28.93
C ILE B 519 0.62 4.89 29.95
N LEU B 520 1.77 5.55 29.84
CA LEU B 520 2.06 6.68 30.69
C LEU B 520 1.27 7.94 30.34
N ASP B 521 0.97 8.76 31.33
CA ASP B 521 0.36 10.06 31.09
C ASP B 521 -0.92 9.89 30.30
N ALA B 522 -1.69 8.90 30.74
CA ALA B 522 -2.90 8.48 30.05
C ALA B 522 -3.98 9.54 30.12
N ASP B 523 -3.90 10.41 31.12
CA ASP B 523 -4.98 11.32 31.37
C ASP B 523 -4.75 12.62 30.65
N LYS B 524 -3.66 12.67 29.87
CA LYS B 524 -3.26 13.90 29.21
C LYS B 524 -4.01 14.22 27.93
N GLU B 525 -5.01 13.43 27.59
CA GLU B 525 -5.83 13.69 26.41
C GLU B 525 -4.97 13.87 25.13
N GLY B 526 -5.20 14.99 24.44
CA GLY B 526 -4.44 15.35 23.21
C GLY B 526 -4.68 14.36 22.08
N PHE B 527 -3.71 14.24 21.17
CA PHE B 527 -3.82 13.25 20.11
C PHE B 527 -3.51 11.89 20.67
N LEU B 528 -2.48 11.79 21.51
CA LEU B 528 -1.94 10.48 21.91
C LEU B 528 -2.80 9.75 22.94
N ARG B 529 -3.81 10.42 23.47
CA ARG B 529 -4.56 9.81 24.55
C ARG B 529 -6.02 10.09 24.32
N SER B 530 -6.36 10.19 23.05
CA SER B 530 -7.70 10.36 22.62
C SER B 530 -8.29 8.99 22.71
N GLU B 531 -9.59 8.90 22.51
CA GLU B 531 -10.32 7.62 22.56
C GLU B 531 -9.82 6.67 21.50
N ARG B 532 -9.55 7.23 20.32
CA ARG B 532 -9.01 6.48 19.18
C ARG B 532 -7.65 5.86 19.54
N SER B 533 -6.74 6.69 20.05
CA SER B 533 -5.44 6.22 20.40
C SER B 533 -5.45 5.20 21.50
N LEU B 534 -6.26 5.49 22.51
CA LEU B 534 -6.27 4.67 23.68
C LEU B 534 -6.68 3.31 23.22
N ILE B 535 -7.81 3.27 22.51
CA ILE B 535 -8.37 2.03 22.03
C ILE B 535 -7.37 1.21 21.19
N GLN B 536 -6.86 1.79 20.12
CA GLN B 536 -5.85 1.12 19.33
C GLN B 536 -4.65 0.69 20.14
N THR B 537 -4.29 1.47 21.14
CA THR B 537 -3.13 1.11 21.94
C THR B 537 -3.47 -0.12 22.79
N ILE B 538 -4.64 -0.07 23.43
CA ILE B 538 -5.19 -1.19 24.14
C ILE B 538 -5.21 -2.36 23.18
N GLY B 539 -5.65 -2.08 21.94
CA GLY B 539 -5.57 -3.03 20.86
C GLY B 539 -4.32 -3.91 20.80
N ARG B 540 -3.12 -3.37 21.01
CA ARG B 540 -1.90 -4.18 20.90
C ARG B 540 -1.78 -5.26 21.98
N ALA B 541 -2.49 -5.11 23.10
CA ALA B 541 -2.42 -6.16 24.13
C ALA B 541 -3.39 -7.37 23.93
N ALA B 542 -4.25 -7.34 22.90
CA ALA B 542 -5.21 -8.39 22.70
C ALA B 542 -4.75 -9.57 21.82
N ARG B 543 -3.44 -9.77 21.64
CA ARG B 543 -2.93 -10.90 20.84
C ARG B 543 -2.34 -11.97 21.76
N ASN B 544 -2.79 -11.96 23.01
CA ASN B 544 -2.16 -12.79 24.01
C ASN B 544 -3.19 -13.18 25.02
N ALA B 545 -3.19 -14.45 25.38
CA ALA B 545 -4.24 -15.00 26.20
C ALA B 545 -4.33 -14.29 27.55
N GLU B 546 -3.26 -13.59 27.92
CA GLU B 546 -3.09 -12.94 29.23
C GLU B 546 -3.01 -11.40 29.16
N GLY B 547 -3.07 -10.87 27.94
CA GLY B 547 -2.94 -9.43 27.72
C GLY B 547 -3.52 -8.55 28.83
N ARG B 548 -2.78 -7.49 29.14
CA ARG B 548 -3.20 -6.50 30.13
C ARG B 548 -2.64 -5.12 29.77
N VAL B 549 -3.29 -4.09 30.28
CA VAL B 549 -2.91 -2.71 30.05
C VAL B 549 -2.91 -1.95 31.38
N ILE B 550 -1.81 -1.27 31.67
CA ILE B 550 -1.79 -0.37 32.78
C ILE B 550 -1.80 1.06 32.27
N MET B 551 -2.84 1.79 32.60
CA MET B 551 -2.82 3.19 32.29
C MET B 551 -2.41 3.97 33.52
N TYR B 552 -1.30 4.71 33.49
CA TYR B 552 -0.93 5.58 34.63
C TYR B 552 -1.55 6.98 34.52
N ALA B 553 -2.34 7.36 35.50
CA ALA B 553 -3.21 8.52 35.41
C ALA B 553 -3.68 8.92 36.80
N ASP B 554 -3.80 10.24 37.01
CA ASP B 554 -4.26 10.78 38.27
C ASP B 554 -5.75 11.11 38.23
N LYS B 555 -6.35 11.12 37.04
CA LYS B 555 -7.81 11.28 36.93
C LYS B 555 -8.34 10.49 35.73
N ILE B 556 -9.66 10.40 35.56
CA ILE B 556 -10.20 9.61 34.43
C ILE B 556 -10.88 10.50 33.42
N THR B 557 -10.25 10.68 32.25
CA THR B 557 -10.77 11.58 31.22
C THR B 557 -11.87 10.99 30.36
N LYS B 558 -12.62 11.87 29.72
CA LYS B 558 -13.63 11.43 28.79
C LYS B 558 -13.09 10.32 27.88
N SER B 559 -11.93 10.58 27.29
CA SER B 559 -11.25 9.60 26.46
C SER B 559 -11.00 8.28 27.19
N MET B 560 -10.41 8.38 28.36
CA MET B 560 -10.15 7.20 29.12
C MET B 560 -11.46 6.41 29.35
N GLU B 561 -12.51 7.13 29.72
CA GLU B 561 -13.79 6.55 30.04
C GLU B 561 -14.37 5.75 28.91
N ILE B 562 -14.50 6.38 27.75
CA ILE B 562 -15.01 5.71 26.58
C ILE B 562 -14.08 4.56 26.24
N ALA B 563 -12.78 4.76 26.31
CA ALA B 563 -11.83 3.68 25.95
C ALA B 563 -11.97 2.43 26.83
N ILE B 564 -11.91 2.67 28.12
CA ILE B 564 -11.99 1.61 29.08
C ILE B 564 -13.37 0.95 29.04
N ASN B 565 -14.42 1.74 29.01
CA ASN B 565 -15.76 1.20 28.94
C ASN B 565 -15.98 0.24 27.77
N GLU B 566 -15.59 0.66 26.57
CA GLU B 566 -15.69 -0.16 25.37
C GLU B 566 -14.90 -1.47 25.48
N THR B 567 -13.68 -1.39 25.98
CA THR B 567 -12.85 -2.56 26.20
C THR B 567 -13.59 -3.52 27.09
N LYS B 568 -14.14 -2.96 28.15
CA LYS B 568 -14.87 -3.76 29.12
C LYS B 568 -16.20 -4.31 28.60
N ARG B 569 -16.94 -3.58 27.77
CA ARG B 569 -18.13 -4.19 27.17
C ARG B 569 -17.73 -5.38 26.29
N ARG B 570 -16.82 -5.14 25.36
CA ARG B 570 -16.34 -6.18 24.48
C ARG B 570 -15.85 -7.40 25.26
N ARG B 571 -14.93 -7.22 26.19
CA ARG B 571 -14.38 -8.39 26.90
C ARG B 571 -15.52 -9.25 27.51
N GLU B 572 -16.59 -8.57 27.93
CA GLU B 572 -17.67 -9.22 28.61
C GLU B 572 -18.46 -10.12 27.68
N GLN B 573 -18.77 -9.61 26.50
CA GLN B 573 -19.44 -10.36 25.50
C GLN B 573 -18.54 -11.47 25.00
N GLN B 574 -17.23 -11.26 25.03
CA GLN B 574 -16.30 -12.23 24.44
C GLN B 574 -16.11 -13.35 25.41
N GLU B 575 -16.52 -13.09 26.64
CA GLU B 575 -16.46 -14.11 27.66
C GLU B 575 -17.78 -14.80 27.75
N ARG B 576 -18.85 -14.04 27.51
CA ARG B 576 -20.18 -14.61 27.44
C ARG B 576 -20.15 -15.71 26.40
N PHE B 577 -19.65 -15.34 25.23
CA PHE B 577 -19.61 -16.21 24.10
C PHE B 577 -18.69 -17.41 24.39
N ASN B 578 -17.45 -17.13 24.75
CA ASN B 578 -16.49 -18.16 25.11
C ASN B 578 -17.08 -19.23 26.04
N GLU B 579 -17.72 -18.81 27.13
CA GLU B 579 -18.42 -19.72 28.02
C GLU B 579 -19.44 -20.55 27.22
N GLU B 580 -20.49 -19.88 26.77
CA GLU B 580 -21.57 -20.53 26.04
C GLU B 580 -21.13 -21.43 24.90
N HIS B 581 -19.89 -21.30 24.42
CA HIS B 581 -19.41 -22.14 23.31
C HIS B 581 -18.28 -23.12 23.67
N GLY B 582 -17.91 -23.19 24.95
CA GLY B 582 -16.87 -24.13 25.42
C GLY B 582 -15.46 -23.85 24.92
N ILE B 583 -15.23 -22.62 24.48
CA ILE B 583 -13.97 -22.26 23.88
C ILE B 583 -12.99 -21.89 24.97
N THR B 584 -11.72 -22.34 24.84
CA THR B 584 -10.61 -21.85 25.69
C THR B 584 -9.63 -20.92 24.95
N PRO B 585 -9.57 -19.63 25.38
CA PRO B 585 -8.63 -18.62 24.87
C PRO B 585 -7.20 -19.16 24.73
N LYS B 586 -6.77 -19.53 23.53
CA LYS B 586 -5.36 -19.85 23.29
C LYS B 586 -4.77 -18.70 22.48
N THR B 587 -3.49 -18.41 22.74
CA THR B 587 -2.67 -17.47 21.93
C THR B 587 -2.30 -18.09 20.53
N ILE B 588 -2.70 -17.42 19.44
CA ILE B 588 -2.20 -17.71 18.07
C ILE B 588 -0.76 -17.17 17.89
N ASN B 589 0.17 -18.00 17.42
CA ASN B 589 1.58 -17.58 17.26
C ASN B 589 2.42 -18.47 16.33
N LYS B 621 31.56 1.14 25.72
CA LYS B 621 30.36 0.62 25.03
C LYS B 621 29.99 1.45 23.79
N LYS B 622 30.73 2.55 23.55
CA LYS B 622 30.66 3.31 22.28
C LYS B 622 31.38 2.58 21.11
N GLU B 623 32.62 2.10 21.36
CA GLU B 623 33.38 1.28 20.40
C GLU B 623 32.60 0.01 19.93
N ARG B 624 31.95 -0.69 20.89
CA ARG B 624 31.10 -1.89 20.59
C ARG B 624 29.76 -1.56 19.90
N GLN B 625 29.13 -0.44 20.26
CA GLN B 625 27.94 0.03 19.56
C GLN B 625 28.19 0.20 18.05
N LYS B 626 29.32 0.83 17.67
CA LYS B 626 29.59 1.07 16.24
C LYS B 626 29.97 -0.20 15.45
N VAL B 627 30.81 -1.05 16.06
CA VAL B 627 31.21 -2.35 15.46
C VAL B 627 30.03 -3.32 15.24
N VAL B 628 29.08 -3.35 16.17
CA VAL B 628 27.89 -4.19 16.03
C VAL B 628 26.97 -3.67 14.90
N GLU B 629 26.71 -2.36 14.87
CA GLU B 629 25.98 -1.76 13.75
C GLU B 629 26.57 -2.09 12.36
N GLN B 630 27.91 -2.06 12.22
CA GLN B 630 28.53 -2.38 10.92
C GLN B 630 28.49 -3.88 10.56
N MET B 631 28.61 -4.75 11.56
CA MET B 631 28.50 -6.20 11.36
C MET B 631 27.05 -6.63 11.12
N GLU B 632 26.09 -5.83 11.60
CA GLU B 632 24.68 -6.14 11.35
C GLU B 632 24.32 -5.80 9.93
N HIS B 633 24.95 -4.74 9.42
CA HIS B 633 24.75 -4.37 8.04
C HIS B 633 25.31 -5.49 7.13
N GLU B 634 26.55 -5.88 7.43
CA GLU B 634 27.22 -6.85 6.59
C GLU B 634 26.49 -8.19 6.66
N MET B 635 25.84 -8.44 7.78
CA MET B 635 24.97 -9.59 7.90
C MET B 635 23.70 -9.45 7.07
N LYS B 636 22.96 -8.35 7.24
CA LYS B 636 21.74 -8.14 6.46
C LYS B 636 22.08 -8.22 4.95
N GLU B 637 23.25 -7.73 4.60
CA GLU B 637 23.72 -7.73 3.20
C GLU B 637 23.91 -9.12 2.62
N ALA B 638 24.41 -10.02 3.45
CA ALA B 638 24.79 -11.33 3.01
C ALA B 638 23.55 -12.20 2.93
N ALA B 639 22.57 -11.92 3.82
CA ALA B 639 21.22 -12.49 3.71
C ALA B 639 20.60 -12.17 2.36
N LYS B 640 20.64 -10.89 1.95
CA LYS B 640 20.09 -10.52 0.65
C LYS B 640 20.80 -11.18 -0.51
N ALA B 641 22.12 -11.31 -0.42
CA ALA B 641 22.88 -11.99 -1.49
C ALA B 641 22.60 -13.48 -1.44
N LEU B 642 21.84 -13.89 -0.43
CA LEU B 642 21.60 -15.29 -0.12
C LEU B 642 22.86 -16.05 0.29
N ASP B 643 23.85 -15.33 0.79
CA ASP B 643 25.08 -15.93 1.29
C ASP B 643 24.85 -16.18 2.76
N PHE B 644 24.05 -17.21 3.03
CA PHE B 644 23.55 -17.49 4.36
C PHE B 644 24.61 -18.03 5.30
N GLU B 645 25.67 -18.64 4.75
CA GLU B 645 26.83 -19.07 5.56
C GLU B 645 27.64 -17.89 6.12
N ARG B 646 27.85 -16.85 5.32
CA ARG B 646 28.54 -15.66 5.80
C ARG B 646 27.71 -14.89 6.83
N ALA B 647 26.40 -14.85 6.58
CA ALA B 647 25.45 -14.20 7.47
C ALA B 647 25.49 -14.80 8.86
N ALA B 648 25.76 -16.10 8.91
CA ALA B 648 25.77 -16.83 10.16
C ALA B 648 27.10 -16.64 10.85
N GLU B 649 28.19 -16.48 10.09
CA GLU B 649 29.48 -16.19 10.71
C GLU B 649 29.34 -14.86 11.43
N LEU B 650 28.83 -13.87 10.72
CA LEU B 650 28.51 -12.55 11.30
C LEU B 650 27.54 -12.56 12.49
N ARG B 651 26.51 -13.41 12.41
CA ARG B 651 25.57 -13.56 13.52
C ARG B 651 26.30 -14.10 14.73
N ASP B 652 26.92 -15.29 14.59
CA ASP B 652 27.73 -15.86 15.67
C ASP B 652 28.85 -14.92 16.13
N LEU B 653 29.21 -13.91 15.31
CA LEU B 653 30.16 -12.91 15.76
C LEU B 653 29.50 -12.01 16.80
N LEU B 654 28.28 -11.58 16.47
CA LEU B 654 27.48 -10.64 17.26
C LEU B 654 26.77 -11.32 18.47
N LYS C 1 0.95 -21.94 -13.46
CA LYS C 1 1.23 -21.14 -12.23
C LYS C 1 1.67 -22.06 -11.06
N GLU C 2 1.18 -23.28 -11.06
CA GLU C 2 1.36 -24.18 -9.91
C GLU C 2 2.81 -24.49 -9.50
N ARG C 3 3.70 -24.66 -10.48
CA ARG C 3 5.11 -24.86 -10.18
C ARG C 3 5.74 -23.57 -9.61
N GLN C 4 5.53 -22.43 -10.28
CA GLN C 4 6.04 -21.12 -9.83
C GLN C 4 5.46 -20.65 -8.50
N LYS C 5 4.22 -21.06 -8.20
CA LYS C 5 3.60 -20.77 -6.90
C LYS C 5 4.40 -21.38 -5.76
N VAL C 6 4.82 -22.62 -5.98
CA VAL C 6 5.65 -23.38 -5.05
C VAL C 6 7.01 -22.70 -4.90
N VAL C 7 7.60 -22.31 -6.03
CA VAL C 7 8.83 -21.59 -6.00
C VAL C 7 8.67 -20.25 -5.26
N GLU C 8 7.66 -19.47 -5.64
CA GLU C 8 7.45 -18.23 -4.92
C GLU C 8 7.21 -18.43 -3.44
N GLN C 9 6.68 -19.58 -3.06
CA GLN C 9 6.45 -19.87 -1.63
C GLN C 9 7.69 -20.29 -0.84
N MET C 10 8.49 -21.19 -1.41
CA MET C 10 9.84 -21.51 -0.92
C MET C 10 10.69 -20.27 -0.79
N GLU C 11 10.52 -19.35 -1.73
CA GLU C 11 11.25 -18.11 -1.72
C GLU C 11 10.89 -17.30 -0.49
N HIS C 12 9.60 -17.13 -0.26
CA HIS C 12 9.17 -16.28 0.83
C HIS C 12 9.70 -16.85 2.13
N GLU C 13 9.52 -18.14 2.30
CA GLU C 13 9.87 -18.86 3.49
C GLU C 13 11.37 -18.76 3.78
N MET C 14 12.17 -18.71 2.70
CA MET C 14 13.62 -18.56 2.80
C MET C 14 14.04 -17.16 3.22
N LYS C 15 13.38 -16.11 2.71
CA LYS C 15 13.60 -14.79 3.26
C LYS C 15 13.16 -14.77 4.74
N GLU C 16 12.06 -15.44 5.02
CA GLU C 16 11.57 -15.49 6.37
C GLU C 16 12.58 -16.15 7.34
N ALA C 17 13.25 -17.24 6.95
CA ALA C 17 14.26 -17.87 7.86
C ALA C 17 15.48 -17.01 8.09
N ALA C 18 15.92 -16.31 7.04
CA ALA C 18 16.95 -15.29 7.12
C ALA C 18 16.60 -14.26 8.18
N LYS C 19 15.40 -13.68 8.09
CA LYS C 19 14.94 -12.71 9.08
C LYS C 19 14.85 -13.27 10.53
N ALA C 20 14.60 -14.55 10.70
CA ALA C 20 14.68 -15.15 12.05
C ALA C 20 16.11 -15.40 12.47
N LEU C 21 17.03 -15.16 11.54
CA LEU C 21 18.43 -15.50 11.72
C LEU C 21 18.64 -17.02 11.71
N ASP C 22 17.61 -17.78 11.32
CA ASP C 22 17.75 -19.22 11.04
C ASP C 22 18.39 -19.45 9.68
N PHE C 23 19.67 -19.10 9.60
CA PHE C 23 20.39 -19.11 8.34
C PHE C 23 20.67 -20.52 7.82
N GLU C 24 20.74 -21.44 8.77
CA GLU C 24 20.86 -22.85 8.48
C GLU C 24 19.72 -23.29 7.57
N ARG C 25 18.49 -22.98 7.98
CA ARG C 25 17.30 -23.38 7.24
C ARG C 25 17.26 -22.64 5.94
N ALA C 26 17.64 -21.36 5.98
CA ALA C 26 17.66 -20.54 4.76
C ALA C 26 18.56 -21.13 3.64
N ALA C 27 19.74 -21.65 4.03
CA ALA C 27 20.68 -22.28 3.08
C ALA C 27 20.09 -23.54 2.47
N GLU C 28 19.52 -24.37 3.33
CA GLU C 28 18.86 -25.56 2.93
C GLU C 28 17.84 -25.24 1.85
N LEU C 29 16.96 -24.27 2.12
CA LEU C 29 15.99 -23.83 1.13
C LEU C 29 16.67 -23.33 -0.11
N ARG C 30 17.64 -22.43 0.04
CA ARG C 30 18.44 -21.91 -1.09
C ARG C 30 18.91 -23.03 -2.01
N ASP C 31 19.56 -24.04 -1.45
CA ASP C 31 20.14 -25.11 -2.24
C ASP C 31 19.07 -25.88 -3.00
N LEU C 32 17.92 -26.10 -2.32
CA LEU C 32 16.72 -26.75 -2.91
C LEU C 32 16.20 -25.92 -4.09
N LEU C 33 16.02 -24.62 -3.85
CA LEU C 33 15.54 -23.67 -4.88
C LEU C 33 16.41 -23.69 -6.11
N LEU C 34 17.72 -23.72 -5.89
CA LEU C 34 18.68 -23.81 -6.99
C LEU C 34 18.46 -25.02 -7.89
N GLU C 35 18.21 -26.19 -7.27
CA GLU C 35 17.99 -27.42 -8.03
C GLU C 35 16.75 -27.36 -8.93
N LEU C 36 15.65 -26.79 -8.43
CA LEU C 36 14.42 -26.72 -9.25
C LEU C 36 14.60 -25.76 -10.41
N LYS C 37 15.28 -24.64 -10.18
CA LYS C 37 15.57 -23.71 -11.27
C LYS C 37 16.30 -24.47 -12.37
N ALA C 38 17.21 -25.35 -11.97
CA ALA C 38 18.02 -26.05 -12.93
C ALA C 38 17.20 -27.03 -13.80
C1 NML D . 6.83 8.77 0.06
C2 NML D . 7.53 7.53 0.68
O2 NML D . 7.07 6.38 0.64
N3 NML D . 8.70 7.81 1.33
C3 NML D . 9.62 6.93 2.06
C1 FLU E . 3.28 -8.74 -1.95
O1 FLU E . 2.06 -9.31 -1.90
C2 FLU E . 3.55 -7.78 -2.92
C3 FLU E . 4.81 -7.22 -2.93
O2 FLU E . 5.16 -6.27 -3.87
C4 FLU E . 6.43 -5.72 -3.85
C5 FLU E . 6.77 -4.77 -4.78
C6 FLU E . 8.06 -4.23 -4.76
O3 FLU E . 8.33 -3.37 -5.63
C7 FLU E . 9.02 -4.60 -3.83
C8 FLU E . 8.75 -5.54 -2.85
C9 FLU E . 7.48 -6.11 -2.84
C10 FLU E . 7.18 -7.13 -1.82
C11 FLU E . 5.80 -7.68 -1.88
C12 FLU E . 5.45 -8.64 -0.95
C13 FLU E . 4.18 -9.17 -0.98
PB ADP F . -7.81 -8.00 11.83
O1B ADP F . -6.56 -7.63 12.63
O2B ADP F . -7.74 -7.66 10.34
O3B ADP F . -9.09 -7.63 12.54
PA ADP F . -6.67 -10.63 11.55
O1A ADP F . -6.50 -10.63 10.03
O2A ADP F . -5.49 -10.28 12.43
O3A ADP F . -7.91 -9.62 11.88
O5' ADP F . -7.31 -12.05 12.03
C5' ADP F . -7.00 -12.75 13.25
C4' ADP F . -6.20 -14.02 12.93
O4' ADP F . -7.00 -15.21 12.85
C3' ADP F . -5.55 -13.84 11.58
O3' ADP F . -4.23 -14.41 11.60
C2' ADP F . -6.50 -14.56 10.62
O2' ADP F . -5.84 -15.03 9.44
C1' ADP F . -7.17 -15.66 11.48
N9 ADP F . -8.61 -15.88 11.07
C8 ADP F . -9.44 -14.95 10.53
N7 ADP F . -10.69 -15.43 10.26
C5 ADP F . -10.71 -16.71 10.65
C6 ADP F . -11.72 -17.81 10.65
N6 ADP F . -12.99 -17.63 10.19
N1 ADP F . -11.34 -19.01 11.15
C2 ADP F . -10.10 -19.22 11.63
N3 ADP F . -9.13 -18.27 11.65
C4 ADP F . -9.35 -17.01 11.18
#